data_1DTK
#
_entry.id   1DTK
#
_cell.length_a   1.000
_cell.length_b   1.000
_cell.length_c   1.000
_cell.angle_alpha   90.00
_cell.angle_beta   90.00
_cell.angle_gamma   90.00
#
_symmetry.space_group_name_H-M   'P 1'
#
_entity_poly.entity_id   1
_entity_poly.type   'polypeptide(L)'
_entity_poly.pdbx_seq_one_letter_code
;AAKYCKLPLRIGPCKRKIPSFYYKWKAKQCLPFDYSGCGGNANRFKTIEECRRTCVG
;
_entity_poly.pdbx_strand_id   A
#
# COMPACT_ATOMS: atom_id res chain seq x y z
N ALA A 1 -10.11 -8.82 -0.06
CA ALA A 1 -8.87 -9.33 0.60
C ALA A 1 -8.07 -10.21 -0.35
N ALA A 2 -6.73 -10.09 -0.28
CA ALA A 2 -5.75 -10.77 -1.11
C ALA A 2 -4.53 -11.02 -0.23
N LYS A 3 -3.80 -12.12 -0.47
CA LYS A 3 -2.66 -12.53 0.34
C LYS A 3 -1.71 -11.36 0.63
N TYR A 4 -1.30 -10.65 -0.42
CA TYR A 4 -0.34 -9.56 -0.33
C TYR A 4 -0.84 -8.38 0.50
N CYS A 5 -2.14 -8.30 0.74
CA CYS A 5 -2.71 -7.23 1.55
C CYS A 5 -2.09 -7.19 2.95
N LYS A 6 -1.57 -8.33 3.41
CA LYS A 6 -0.85 -8.43 4.67
C LYS A 6 0.51 -7.71 4.68
N LEU A 7 1.10 -7.41 3.52
CA LEU A 7 2.42 -6.80 3.48
C LEU A 7 2.40 -5.41 4.15
N PRO A 8 3.40 -5.07 4.97
CA PRO A 8 3.39 -3.90 5.84
C PRO A 8 3.70 -2.60 5.09
N LEU A 9 3.91 -1.51 5.85
CA LEU A 9 4.24 -0.19 5.30
C LEU A 9 5.62 -0.23 4.65
N ARG A 10 5.63 -0.67 3.41
CA ARG A 10 6.83 -0.93 2.67
C ARG A 10 7.10 0.28 1.78
N ILE A 11 7.69 1.34 2.33
CA ILE A 11 8.10 2.51 1.56
C ILE A 11 9.18 2.12 0.54
N GLY A 12 10.03 1.15 0.90
CA GLY A 12 11.11 0.67 0.07
C GLY A 12 12.29 1.64 0.13
N PRO A 13 13.53 1.14 0.10
CA PRO A 13 14.70 1.86 0.60
C PRO A 13 15.28 2.83 -0.43
N CYS A 14 14.44 3.48 -1.25
CA CYS A 14 14.91 4.49 -2.18
C CYS A 14 14.45 5.87 -1.71
N LYS A 15 15.08 6.91 -2.27
CA LYS A 15 15.11 8.23 -1.66
C LYS A 15 14.19 9.16 -2.45
N ARG A 16 13.07 8.60 -2.84
CA ARG A 16 12.02 9.19 -3.64
C ARG A 16 10.76 9.30 -2.79
N LYS A 17 9.73 9.96 -3.32
CA LYS A 17 8.45 10.13 -2.66
C LYS A 17 7.37 10.24 -3.74
N ILE A 18 6.52 9.22 -3.84
CA ILE A 18 5.45 9.09 -4.82
C ILE A 18 4.16 8.78 -4.06
N PRO A 19 3.20 9.73 -3.97
CA PRO A 19 2.00 9.54 -3.16
C PRO A 19 1.18 8.36 -3.68
N SER A 20 1.00 7.34 -2.82
CA SER A 20 0.26 6.11 -3.10
C SER A 20 -0.59 5.76 -1.88
N PHE A 21 -1.32 4.66 -1.97
CA PHE A 21 -2.14 4.10 -0.91
C PHE A 21 -1.78 2.63 -0.72
N TYR A 22 -1.70 2.15 0.52
CA TYR A 22 -1.46 0.76 0.86
C TYR A 22 -2.46 0.36 1.95
N TYR A 23 -2.61 -0.94 2.21
CA TYR A 23 -3.47 -1.44 3.27
C TYR A 23 -2.65 -1.81 4.51
N LYS A 24 -2.80 -1.07 5.61
CA LYS A 24 -2.15 -1.44 6.85
C LYS A 24 -2.94 -2.58 7.49
N TRP A 25 -2.61 -3.84 7.17
CA TRP A 25 -3.28 -5.01 7.74
C TRP A 25 -3.23 -5.02 9.28
N LYS A 26 -2.17 -4.44 9.85
CA LYS A 26 -2.01 -4.31 11.29
C LYS A 26 -2.98 -3.29 11.90
N ALA A 27 -3.73 -2.55 11.08
CA ALA A 27 -4.82 -1.67 11.49
C ALA A 27 -6.17 -2.15 10.93
N LYS A 28 -6.17 -2.60 9.67
CA LYS A 28 -7.25 -3.14 8.85
C LYS A 28 -7.88 -2.06 7.93
N GLN A 29 -7.11 -1.05 7.49
CA GLN A 29 -7.60 -0.08 6.52
C GLN A 29 -6.53 0.35 5.52
N CYS A 30 -7.03 0.92 4.41
CA CYS A 30 -6.26 1.57 3.36
C CYS A 30 -5.86 2.95 3.83
N LEU A 31 -4.60 3.35 3.63
CA LEU A 31 -4.07 4.63 4.08
C LEU A 31 -3.17 5.22 2.99
N PRO A 32 -3.17 6.55 2.81
CA PRO A 32 -2.23 7.23 1.93
C PRO A 32 -0.83 7.25 2.54
N PHE A 33 0.20 7.35 1.70
CA PHE A 33 1.59 7.47 2.11
C PHE A 33 2.43 7.82 0.88
N ASP A 34 3.75 7.95 1.02
CA ASP A 34 4.67 8.13 -0.09
C ASP A 34 5.43 6.84 -0.29
N TYR A 35 5.41 6.28 -1.51
CA TYR A 35 6.30 5.20 -1.91
C TYR A 35 7.60 5.80 -2.41
N SER A 36 8.69 5.05 -2.34
CA SER A 36 9.93 5.48 -2.97
C SER A 36 9.83 5.20 -4.48
N GLY A 37 9.76 3.91 -4.81
CA GLY A 37 9.89 3.43 -6.18
C GLY A 37 10.50 2.05 -6.20
N CYS A 38 11.50 1.85 -5.34
CA CYS A 38 12.33 0.64 -5.34
C CYS A 38 11.84 -0.30 -4.26
N GLY A 39 11.92 -1.60 -4.51
CA GLY A 39 11.79 -2.62 -3.48
C GLY A 39 10.50 -2.57 -2.67
N GLY A 40 9.39 -2.11 -3.26
CA GLY A 40 8.08 -2.11 -2.61
C GLY A 40 7.49 -3.52 -2.52
N ASN A 41 6.18 -3.62 -2.79
CA ASN A 41 5.39 -4.84 -2.78
C ASN A 41 4.10 -4.61 -3.59
N ALA A 42 3.23 -5.62 -3.62
CA ALA A 42 1.94 -5.56 -4.31
C ALA A 42 0.91 -4.71 -3.56
N ASN A 43 1.11 -4.46 -2.27
CA ASN A 43 0.17 -3.69 -1.45
C ASN A 43 0.33 -2.20 -1.77
N ARG A 44 -0.02 -1.78 -2.98
CA ARG A 44 0.24 -0.41 -3.43
C ARG A 44 -0.69 -0.03 -4.56
N PHE A 45 -1.36 1.11 -4.39
CA PHE A 45 -2.45 1.57 -5.24
C PHE A 45 -2.30 3.07 -5.43
N LYS A 46 -2.63 3.58 -6.62
CA LYS A 46 -2.69 5.01 -6.85
C LYS A 46 -3.92 5.63 -6.19
N THR A 47 -4.94 4.83 -5.87
CA THR A 47 -6.19 5.30 -5.29
C THR A 47 -6.51 4.54 -4.00
N ILE A 48 -7.22 5.20 -3.08
CA ILE A 48 -7.84 4.53 -1.95
C ILE A 48 -8.82 3.49 -2.48
N GLU A 49 -9.60 3.82 -3.52
CA GLU A 49 -10.66 2.94 -3.94
C GLU A 49 -10.11 1.62 -4.46
N GLU A 50 -8.99 1.60 -5.19
CA GLU A 50 -8.47 0.32 -5.65
C GLU A 50 -8.00 -0.52 -4.46
N CYS A 51 -7.31 0.11 -3.49
CA CYS A 51 -6.96 -0.60 -2.26
C CYS A 51 -8.21 -1.15 -1.59
N ARG A 52 -9.18 -0.27 -1.36
CA ARG A 52 -10.42 -0.63 -0.70
C ARG A 52 -11.08 -1.80 -1.40
N ARG A 53 -11.24 -1.70 -2.72
CA ARG A 53 -11.91 -2.65 -3.59
C ARG A 53 -11.16 -3.98 -3.57
N THR A 54 -9.83 -3.95 -3.48
CA THR A 54 -9.04 -5.17 -3.38
C THR A 54 -9.25 -5.83 -2.02
N CYS A 55 -9.02 -5.08 -0.94
CA CYS A 55 -8.86 -5.67 0.38
C CYS A 55 -10.14 -5.69 1.19
N VAL A 56 -10.80 -4.54 1.31
CA VAL A 56 -12.16 -4.46 1.86
C VAL A 56 -13.13 -4.95 0.77
N GLY A 57 -14.43 -4.99 1.06
CA GLY A 57 -15.42 -5.52 0.13
C GLY A 57 -15.30 -7.04 0.08
N ALA A 1 -9.98 -10.81 1.40
CA ALA A 1 -8.83 -9.91 1.34
C ALA A 1 -7.75 -10.55 0.49
N ALA A 2 -7.05 -9.78 -0.34
CA ALA A 2 -5.96 -10.31 -1.16
C ALA A 2 -4.78 -10.73 -0.28
N LYS A 3 -4.14 -11.86 -0.59
CA LYS A 3 -3.02 -12.42 0.17
C LYS A 3 -1.98 -11.36 0.56
N TYR A 4 -1.50 -10.64 -0.44
CA TYR A 4 -0.46 -9.63 -0.29
C TYR A 4 -0.91 -8.39 0.47
N CYS A 5 -2.23 -8.22 0.67
CA CYS A 5 -2.76 -7.12 1.46
C CYS A 5 -2.11 -7.05 2.84
N LYS A 6 -1.70 -8.21 3.35
CA LYS A 6 -1.04 -8.39 4.61
C LYS A 6 0.35 -7.74 4.69
N LEU A 7 0.96 -7.41 3.54
CA LEU A 7 2.30 -6.84 3.51
C LEU A 7 2.29 -5.40 4.05
N PRO A 8 3.29 -5.02 4.89
CA PRO A 8 3.26 -3.80 5.68
C PRO A 8 3.61 -2.54 4.88
N LEU A 9 3.82 -1.42 5.59
CA LEU A 9 4.13 -0.11 5.03
C LEU A 9 5.48 -0.12 4.32
N ARG A 10 5.45 -0.57 3.08
CA ARG A 10 6.65 -0.79 2.32
C ARG A 10 6.96 0.44 1.48
N ILE A 11 7.47 1.47 2.14
CA ILE A 11 8.04 2.63 1.46
C ILE A 11 9.16 2.17 0.53
N GLY A 12 9.91 1.15 0.96
CA GLY A 12 11.06 0.63 0.24
C GLY A 12 12.29 1.48 0.57
N PRO A 13 13.48 1.02 0.18
CA PRO A 13 14.73 1.61 0.61
C PRO A 13 15.01 2.97 -0.03
N CYS A 14 14.44 3.28 -1.21
CA CYS A 14 14.93 4.41 -1.97
C CYS A 14 14.45 5.72 -1.38
N LYS A 15 15.10 6.80 -1.78
CA LYS A 15 14.93 8.11 -1.14
C LYS A 15 13.97 9.00 -1.94
N ARG A 16 13.27 8.40 -2.90
CA ARG A 16 12.20 9.03 -3.65
C ARG A 16 10.95 9.19 -2.78
N LYS A 17 9.94 9.83 -3.38
CA LYS A 17 8.64 10.12 -2.81
C LYS A 17 7.62 10.02 -3.95
N ILE A 18 6.69 9.07 -3.88
CA ILE A 18 5.59 8.88 -4.80
C ILE A 18 4.31 8.68 -3.97
N PRO A 19 3.43 9.69 -3.87
CA PRO A 19 2.24 9.60 -3.04
C PRO A 19 1.32 8.50 -3.56
N SER A 20 0.98 7.54 -2.70
CA SER A 20 0.20 6.36 -3.03
C SER A 20 -0.68 5.99 -1.84
N PHE A 21 -1.46 4.92 -1.99
CA PHE A 21 -2.26 4.29 -0.95
C PHE A 21 -1.84 2.83 -0.83
N TYR A 22 -1.87 2.28 0.39
CA TYR A 22 -1.64 0.89 0.68
C TYR A 22 -2.63 0.48 1.76
N TYR A 23 -2.71 -0.82 2.05
CA TYR A 23 -3.52 -1.32 3.16
C TYR A 23 -2.60 -1.58 4.36
N LYS A 24 -2.76 -0.81 5.43
CA LYS A 24 -1.97 -1.04 6.63
C LYS A 24 -2.58 -2.20 7.39
N TRP A 25 -2.22 -3.44 7.05
CA TRP A 25 -2.77 -4.63 7.70
C TRP A 25 -2.69 -4.57 9.23
N LYS A 26 -1.62 -3.96 9.75
CA LYS A 26 -1.43 -3.74 11.17
C LYS A 26 -2.65 -3.01 11.79
N ALA A 27 -3.26 -2.08 11.05
CA ALA A 27 -4.45 -1.34 11.45
C ALA A 27 -5.72 -2.01 10.94
N LYS A 28 -5.69 -2.51 9.70
CA LYS A 28 -6.71 -3.21 8.94
C LYS A 28 -7.55 -2.27 8.07
N GLN A 29 -6.94 -1.23 7.47
CA GLN A 29 -7.61 -0.32 6.54
C GLN A 29 -6.65 0.23 5.49
N CYS A 30 -7.23 0.84 4.44
CA CYS A 30 -6.51 1.52 3.37
C CYS A 30 -6.13 2.92 3.83
N LEU A 31 -4.88 3.32 3.60
CA LEU A 31 -4.29 4.56 4.10
C LEU A 31 -3.35 5.13 3.02
N PRO A 32 -3.17 6.46 2.95
CA PRO A 32 -2.18 7.09 2.10
C PRO A 32 -0.77 6.89 2.66
N PHE A 33 0.25 7.10 1.84
CA PHE A 33 1.66 7.14 2.21
C PHE A 33 2.45 7.69 1.02
N ASP A 34 3.76 7.86 1.18
CA ASP A 34 4.68 8.04 0.07
C ASP A 34 5.44 6.74 -0.11
N TYR A 35 5.39 6.16 -1.30
CA TYR A 35 6.29 5.08 -1.69
C TYR A 35 7.59 5.70 -2.18
N SER A 36 8.68 4.93 -2.21
CA SER A 36 9.90 5.39 -2.85
C SER A 36 9.77 5.17 -4.36
N GLY A 37 9.75 3.91 -4.75
CA GLY A 37 9.88 3.48 -6.13
C GLY A 37 10.53 2.10 -6.15
N CYS A 38 11.55 1.90 -5.31
CA CYS A 38 12.38 0.71 -5.28
C CYS A 38 11.86 -0.25 -4.22
N GLY A 39 12.04 -1.56 -4.43
CA GLY A 39 11.92 -2.57 -3.39
C GLY A 39 10.54 -2.67 -2.73
N GLY A 40 9.47 -2.26 -3.41
CA GLY A 40 8.10 -2.39 -2.95
C GLY A 40 7.63 -3.84 -2.92
N ASN A 41 6.35 -4.02 -2.56
CA ASN A 41 5.62 -5.28 -2.54
C ASN A 41 4.41 -5.15 -3.46
N ALA A 42 3.32 -5.92 -3.29
CA ALA A 42 2.11 -5.74 -4.10
C ALA A 42 1.10 -4.77 -3.45
N ASN A 43 1.40 -4.25 -2.26
CA ASN A 43 0.55 -3.28 -1.60
C ASN A 43 0.90 -1.89 -2.14
N ARG A 44 0.41 -1.53 -3.32
CA ARG A 44 0.37 -0.13 -3.77
C ARG A 44 -0.88 0.11 -4.62
N PHE A 45 -1.56 1.24 -4.41
CA PHE A 45 -2.70 1.69 -5.17
C PHE A 45 -2.59 3.19 -5.36
N LYS A 46 -2.94 3.70 -6.54
CA LYS A 46 -3.01 5.14 -6.77
C LYS A 46 -4.25 5.75 -6.11
N THR A 47 -5.26 4.93 -5.84
CA THR A 47 -6.53 5.38 -5.27
C THR A 47 -6.97 4.47 -4.13
N ILE A 48 -7.58 5.10 -3.12
CA ILE A 48 -8.16 4.45 -1.95
C ILE A 48 -9.17 3.40 -2.40
N GLU A 49 -9.90 3.67 -3.47
CA GLU A 49 -10.97 2.80 -3.93
C GLU A 49 -10.41 1.49 -4.47
N GLU A 50 -9.24 1.54 -5.09
CA GLU A 50 -8.64 0.32 -5.62
C GLU A 50 -8.10 -0.52 -4.47
N CYS A 51 -7.47 0.12 -3.47
CA CYS A 51 -7.10 -0.58 -2.24
C CYS A 51 -8.35 -1.18 -1.58
N ARG A 52 -9.38 -0.35 -1.40
CA ARG A 52 -10.63 -0.78 -0.79
C ARG A 52 -11.15 -2.01 -1.52
N ARG A 53 -11.24 -1.96 -2.85
CA ARG A 53 -11.66 -3.10 -3.66
C ARG A 53 -10.77 -4.33 -3.41
N THR A 54 -9.45 -4.13 -3.33
CA THR A 54 -8.51 -5.23 -3.25
C THR A 54 -8.70 -6.00 -1.94
N CYS A 55 -8.89 -5.27 -0.84
CA CYS A 55 -8.79 -5.87 0.49
C CYS A 55 -10.11 -5.91 1.26
N VAL A 56 -10.89 -4.84 1.14
CA VAL A 56 -12.26 -4.74 1.65
C VAL A 56 -13.20 -5.19 0.51
N GLY A 57 -14.51 -5.07 0.67
CA GLY A 57 -15.51 -5.31 -0.35
C GLY A 57 -16.82 -4.75 0.18
N ALA A 1 -10.14 -10.74 1.27
CA ALA A 1 -9.05 -9.78 1.00
C ALA A 1 -7.96 -10.47 0.20
N ALA A 2 -7.06 -9.73 -0.46
CA ALA A 2 -5.99 -10.31 -1.23
C ALA A 2 -4.85 -10.77 -0.33
N LYS A 3 -4.11 -11.82 -0.73
CA LYS A 3 -3.07 -12.42 0.09
C LYS A 3 -1.99 -11.38 0.46
N TYR A 4 -1.50 -10.66 -0.55
CA TYR A 4 -0.45 -9.65 -0.38
C TYR A 4 -0.88 -8.48 0.50
N CYS A 5 -2.18 -8.31 0.71
CA CYS A 5 -2.71 -7.22 1.53
C CYS A 5 -2.13 -7.22 2.94
N LYS A 6 -1.57 -8.37 3.37
CA LYS A 6 -0.90 -8.55 4.63
C LYS A 6 0.44 -7.81 4.73
N LEU A 7 1.05 -7.41 3.61
CA LEU A 7 2.37 -6.80 3.62
C LEU A 7 2.38 -5.43 4.34
N PRO A 8 3.41 -5.11 5.14
CA PRO A 8 3.47 -3.93 5.99
C PRO A 8 3.85 -2.65 5.24
N LEU A 9 4.09 -1.54 5.97
CA LEU A 9 4.36 -0.23 5.37
C LEU A 9 5.71 -0.22 4.68
N ARG A 10 5.73 -0.71 3.44
CA ARG A 10 6.98 -1.00 2.75
C ARG A 10 7.29 0.20 1.88
N ILE A 11 7.78 1.27 2.50
CA ILE A 11 8.15 2.50 1.79
C ILE A 11 9.22 2.18 0.75
N GLY A 12 10.14 1.27 1.07
CA GLY A 12 11.29 0.93 0.25
C GLY A 12 12.39 1.96 0.49
N PRO A 13 13.67 1.55 0.56
CA PRO A 13 14.76 2.42 0.96
C PRO A 13 15.30 3.23 -0.23
N CYS A 14 14.45 3.64 -1.18
CA CYS A 14 14.89 4.47 -2.30
C CYS A 14 14.74 5.94 -1.94
N LYS A 15 15.35 6.82 -2.75
CA LYS A 15 15.50 8.25 -2.46
C LYS A 15 14.50 9.03 -3.31
N ARG A 16 13.26 8.56 -3.27
CA ARG A 16 12.10 9.08 -3.97
C ARG A 16 10.90 9.22 -3.02
N LYS A 17 9.83 9.86 -3.51
CA LYS A 17 8.56 10.03 -2.82
C LYS A 17 7.45 10.16 -3.88
N ILE A 18 6.60 9.15 -4.04
CA ILE A 18 5.42 9.16 -4.89
C ILE A 18 4.19 8.83 -4.05
N PRO A 19 3.18 9.72 -3.94
CA PRO A 19 1.99 9.43 -3.16
C PRO A 19 1.28 8.19 -3.72
N SER A 20 0.97 7.24 -2.82
CA SER A 20 0.19 6.05 -3.11
C SER A 20 -0.65 5.74 -1.87
N PHE A 21 -1.49 4.72 -1.96
CA PHE A 21 -2.25 4.15 -0.87
C PHE A 21 -1.86 2.69 -0.72
N TYR A 22 -1.77 2.19 0.51
CA TYR A 22 -1.54 0.80 0.82
C TYR A 22 -2.52 0.40 1.90
N TYR A 23 -2.63 -0.91 2.17
CA TYR A 23 -3.46 -1.43 3.24
C TYR A 23 -2.61 -1.70 4.46
N LYS A 24 -2.81 -0.95 5.54
CA LYS A 24 -2.08 -1.20 6.77
C LYS A 24 -2.68 -2.42 7.43
N TRP A 25 -2.23 -3.64 7.11
CA TRP A 25 -2.75 -4.86 7.72
C TRP A 25 -2.70 -4.81 9.25
N LYS A 26 -1.72 -4.10 9.80
CA LYS A 26 -1.55 -3.93 11.24
C LYS A 26 -2.76 -3.20 11.88
N ALA A 27 -3.54 -2.46 11.09
CA ALA A 27 -4.75 -1.75 11.49
C ALA A 27 -6.00 -2.31 10.80
N LYS A 28 -5.84 -2.83 9.58
CA LYS A 28 -6.83 -3.34 8.65
C LYS A 28 -7.68 -2.21 8.04
N GLN A 29 -7.01 -1.26 7.36
CA GLN A 29 -7.65 -0.26 6.51
C GLN A 29 -6.66 0.25 5.45
N CYS A 30 -7.20 0.88 4.40
CA CYS A 30 -6.44 1.51 3.33
C CYS A 30 -6.06 2.93 3.73
N LEU A 31 -4.79 3.32 3.53
CA LEU A 31 -4.21 4.57 4.02
C LEU A 31 -3.27 5.13 2.96
N PRO A 32 -3.12 6.46 2.86
CA PRO A 32 -2.14 7.11 2.00
C PRO A 32 -0.73 6.97 2.59
N PHE A 33 0.29 7.15 1.76
CA PHE A 33 1.69 7.31 2.15
C PHE A 33 2.48 7.72 0.89
N ASP A 34 3.77 8.04 1.05
CA ASP A 34 4.68 8.29 -0.06
C ASP A 34 5.53 7.05 -0.25
N TYR A 35 5.52 6.46 -1.45
CA TYR A 35 6.35 5.32 -1.80
C TYR A 35 7.70 5.82 -2.32
N SER A 36 8.78 5.05 -2.10
CA SER A 36 10.06 5.40 -2.69
C SER A 36 10.08 5.06 -4.19
N GLY A 37 10.42 3.83 -4.56
CA GLY A 37 10.61 3.50 -5.97
C GLY A 37 11.14 2.08 -6.18
N CYS A 38 12.11 1.69 -5.37
CA CYS A 38 12.65 0.33 -5.32
C CYS A 38 12.12 -0.38 -4.08
N GLY A 39 12.26 -1.71 -4.05
CA GLY A 39 11.97 -2.56 -2.91
C GLY A 39 10.61 -2.32 -2.23
N GLY A 40 9.54 -2.10 -3.00
CA GLY A 40 8.17 -2.06 -2.50
C GLY A 40 7.58 -3.47 -2.43
N ASN A 41 6.29 -3.59 -2.73
CA ASN A 41 5.52 -4.83 -2.81
C ASN A 41 4.19 -4.54 -3.52
N ALA A 42 3.33 -5.57 -3.61
CA ALA A 42 2.02 -5.54 -4.26
C ALA A 42 0.98 -4.69 -3.51
N ASN A 43 1.21 -4.40 -2.24
CA ASN A 43 0.31 -3.59 -1.41
C ASN A 43 0.44 -2.12 -1.83
N ARG A 44 -0.03 -1.75 -3.03
CA ARG A 44 0.14 -0.39 -3.52
C ARG A 44 -0.88 -0.01 -4.60
N PHE A 45 -1.56 1.13 -4.40
CA PHE A 45 -2.67 1.61 -5.20
C PHE A 45 -2.54 3.11 -5.39
N LYS A 46 -2.93 3.61 -6.56
CA LYS A 46 -2.99 5.05 -6.81
C LYS A 46 -4.23 5.67 -6.19
N THR A 47 -5.27 4.87 -5.95
CA THR A 47 -6.49 5.32 -5.29
C THR A 47 -6.65 4.52 -4.00
N ILE A 48 -7.28 5.12 -2.99
CA ILE A 48 -7.76 4.34 -1.86
C ILE A 48 -8.85 3.41 -2.35
N GLU A 49 -9.69 3.84 -3.28
CA GLU A 49 -10.83 3.06 -3.72
C GLU A 49 -10.40 1.72 -4.30
N GLU A 50 -9.35 1.70 -5.13
CA GLU A 50 -8.84 0.42 -5.63
C GLU A 50 -8.39 -0.47 -4.46
N CYS A 51 -7.68 0.08 -3.48
CA CYS A 51 -7.29 -0.67 -2.28
C CYS A 51 -8.53 -1.21 -1.57
N ARG A 52 -9.47 -0.32 -1.23
CA ARG A 52 -10.69 -0.71 -0.54
C ARG A 52 -11.38 -1.84 -1.31
N ARG A 53 -11.56 -1.68 -2.63
CA ARG A 53 -12.22 -2.69 -3.43
C ARG A 53 -11.44 -4.01 -3.48
N THR A 54 -10.10 -3.95 -3.47
CA THR A 54 -9.30 -5.16 -3.53
C THR A 54 -9.42 -5.96 -2.23
N CYS A 55 -9.33 -5.30 -1.08
CA CYS A 55 -9.19 -6.01 0.19
C CYS A 55 -10.52 -6.15 0.95
N VAL A 56 -11.36 -5.14 0.79
CA VAL A 56 -12.71 -4.96 1.34
C VAL A 56 -13.67 -5.08 0.14
N GLY A 57 -14.92 -4.63 0.26
CA GLY A 57 -15.74 -4.25 -0.91
C GLY A 57 -15.47 -2.79 -1.29
N ALA A 1 -10.56 -9.95 -0.88
CA ALA A 1 -9.29 -9.75 -0.18
C ALA A 1 -8.18 -10.45 -0.93
N ALA A 2 -6.91 -10.13 -0.63
CA ALA A 2 -5.74 -10.66 -1.33
C ALA A 2 -4.63 -10.95 -0.32
N LYS A 3 -3.77 -11.92 -0.64
CA LYS A 3 -2.69 -12.36 0.25
C LYS A 3 -1.81 -11.17 0.63
N TYR A 4 -1.33 -10.48 -0.40
CA TYR A 4 -0.45 -9.32 -0.27
C TYR A 4 -1.05 -8.18 0.55
N CYS A 5 -2.37 -8.15 0.72
CA CYS A 5 -3.02 -7.17 1.59
C CYS A 5 -2.42 -7.19 3.00
N LYS A 6 -1.91 -8.36 3.41
CA LYS A 6 -1.25 -8.53 4.70
C LYS A 6 0.11 -7.83 4.81
N LEU A 7 0.75 -7.46 3.69
CA LEU A 7 2.08 -6.85 3.72
C LEU A 7 2.00 -5.47 4.37
N PRO A 8 2.98 -5.07 5.20
CA PRO A 8 2.93 -3.82 5.93
C PRO A 8 3.28 -2.62 5.05
N LEU A 9 3.36 -1.44 5.68
CA LEU A 9 3.91 -0.23 5.08
C LEU A 9 5.32 -0.53 4.59
N ARG A 10 5.61 -0.23 3.32
CA ARG A 10 6.77 -0.74 2.64
C ARG A 10 7.31 0.33 1.70
N ILE A 11 8.01 1.31 2.27
CA ILE A 11 8.40 2.49 1.53
C ILE A 11 9.42 2.15 0.45
N GLY A 12 10.37 1.28 0.77
CA GLY A 12 11.46 0.86 -0.11
C GLY A 12 12.64 1.85 -0.01
N PRO A 13 13.88 1.38 -0.19
CA PRO A 13 15.09 2.13 0.13
C PRO A 13 15.54 3.05 -1.03
N CYS A 14 14.61 3.69 -1.73
CA CYS A 14 14.95 4.62 -2.80
C CYS A 14 15.01 6.07 -2.28
N LYS A 15 15.54 6.99 -3.09
CA LYS A 15 15.86 8.37 -2.73
C LYS A 15 14.98 9.31 -3.55
N ARG A 16 13.70 9.06 -3.40
CA ARG A 16 12.51 9.44 -4.15
C ARG A 16 11.30 9.33 -3.20
N LYS A 17 10.15 9.85 -3.64
CA LYS A 17 8.86 9.88 -2.90
C LYS A 17 7.74 10.07 -3.94
N ILE A 18 6.73 9.18 -3.96
CA ILE A 18 5.53 9.26 -4.80
C ILE A 18 4.31 8.91 -3.94
N PRO A 19 3.27 9.75 -3.87
CA PRO A 19 2.08 9.45 -3.08
C PRO A 19 1.38 8.20 -3.63
N SER A 20 0.98 7.28 -2.74
CA SER A 20 0.21 6.08 -3.04
C SER A 20 -0.69 5.79 -1.83
N PHE A 21 -1.45 4.69 -1.90
CA PHE A 21 -2.23 4.12 -0.80
C PHE A 21 -1.79 2.67 -0.62
N TYR A 22 -1.93 2.14 0.58
CA TYR A 22 -1.69 0.74 0.92
C TYR A 22 -2.71 0.33 1.99
N TYR A 23 -2.77 -0.98 2.29
CA TYR A 23 -3.62 -1.50 3.35
C TYR A 23 -2.76 -1.81 4.57
N LYS A 24 -2.96 -1.07 5.68
CA LYS A 24 -2.18 -1.30 6.89
C LYS A 24 -2.78 -2.46 7.67
N TRP A 25 -2.30 -3.68 7.43
CA TRP A 25 -2.92 -4.89 7.94
C TRP A 25 -3.06 -4.87 9.45
N LYS A 26 -2.06 -4.35 10.16
CA LYS A 26 -2.11 -4.23 11.61
C LYS A 26 -3.36 -3.46 12.06
N ALA A 27 -3.75 -2.43 11.30
CA ALA A 27 -4.94 -1.61 11.56
C ALA A 27 -6.16 -2.11 10.80
N LYS A 28 -5.94 -2.94 9.78
CA LYS A 28 -6.92 -3.53 8.88
C LYS A 28 -7.68 -2.48 8.06
N GLN A 29 -6.99 -1.48 7.50
CA GLN A 29 -7.63 -0.47 6.68
C GLN A 29 -6.70 0.13 5.63
N CYS A 30 -7.29 0.75 4.60
CA CYS A 30 -6.57 1.43 3.53
C CYS A 30 -6.16 2.82 3.99
N LEU A 31 -4.91 3.21 3.74
CA LEU A 31 -4.32 4.48 4.17
C LEU A 31 -3.43 5.04 3.05
N PRO A 32 -3.28 6.37 2.93
CA PRO A 32 -2.33 7.02 2.05
C PRO A 32 -0.91 6.92 2.62
N PHE A 33 0.11 7.10 1.77
CA PHE A 33 1.52 7.25 2.17
C PHE A 33 2.36 7.69 0.96
N ASP A 34 3.68 7.87 1.11
CA ASP A 34 4.60 8.13 0.01
C ASP A 34 5.51 6.91 -0.17
N TYR A 35 5.50 6.31 -1.36
CA TYR A 35 6.37 5.21 -1.74
C TYR A 35 7.66 5.74 -2.35
N SER A 36 8.78 5.04 -2.19
CA SER A 36 10.05 5.49 -2.74
C SER A 36 10.12 5.24 -4.25
N GLY A 37 10.13 3.97 -4.64
CA GLY A 37 10.39 3.55 -6.02
C GLY A 37 11.23 2.28 -6.11
N CYS A 38 11.91 1.90 -5.02
CA CYS A 38 12.72 0.68 -4.98
C CYS A 38 11.79 -0.48 -4.58
N GLY A 39 12.21 -1.38 -3.68
CA GLY A 39 11.54 -2.64 -3.37
C GLY A 39 10.01 -2.59 -3.41
N GLY A 40 9.41 -1.82 -2.49
CA GLY A 40 7.96 -1.80 -2.32
C GLY A 40 7.42 -3.21 -2.07
N ASN A 41 6.13 -3.42 -2.32
CA ASN A 41 5.47 -4.71 -2.35
C ASN A 41 4.23 -4.59 -3.24
N ALA A 42 3.38 -5.63 -3.24
CA ALA A 42 2.15 -5.63 -4.03
C ALA A 42 1.01 -4.83 -3.35
N ASN A 43 1.20 -4.40 -2.10
CA ASN A 43 0.21 -3.66 -1.35
C ASN A 43 0.36 -2.17 -1.65
N ARG A 44 0.14 -1.76 -2.90
CA ARG A 44 0.34 -0.38 -3.31
C ARG A 44 -0.61 -0.01 -4.43
N PHE A 45 -1.42 1.03 -4.20
CA PHE A 45 -2.53 1.44 -5.05
C PHE A 45 -2.43 2.94 -5.27
N LYS A 46 -2.79 3.43 -6.46
CA LYS A 46 -2.83 4.85 -6.73
C LYS A 46 -4.02 5.51 -6.03
N THR A 47 -5.03 4.74 -5.62
CA THR A 47 -6.22 5.30 -4.99
C THR A 47 -6.65 4.47 -3.78
N ILE A 48 -7.34 5.13 -2.84
CA ILE A 48 -8.03 4.46 -1.74
C ILE A 48 -9.05 3.49 -2.28
N GLU A 49 -9.72 3.83 -3.39
CA GLU A 49 -10.77 2.99 -3.92
C GLU A 49 -10.18 1.70 -4.47
N GLU A 50 -9.06 1.78 -5.18
CA GLU A 50 -8.39 0.58 -5.67
C GLU A 50 -8.04 -0.32 -4.47
N CYS A 51 -7.43 0.26 -3.44
CA CYS A 51 -7.14 -0.48 -2.22
C CYS A 51 -8.39 -1.12 -1.64
N ARG A 52 -9.42 -0.30 -1.38
CA ARG A 52 -10.65 -0.77 -0.77
C ARG A 52 -11.27 -1.90 -1.60
N ARG A 53 -11.37 -1.71 -2.92
CA ARG A 53 -11.96 -2.66 -3.85
C ARG A 53 -11.18 -3.98 -3.82
N THR A 54 -9.85 -3.91 -3.69
CA THR A 54 -9.02 -5.10 -3.66
C THR A 54 -9.22 -5.85 -2.35
N CYS A 55 -9.01 -5.16 -1.22
CA CYS A 55 -8.92 -5.84 0.06
C CYS A 55 -10.28 -6.02 0.73
N VAL A 56 -11.06 -4.94 0.79
CA VAL A 56 -12.45 -4.93 1.24
C VAL A 56 -13.31 -5.38 0.05
N GLY A 57 -14.61 -5.16 0.10
CA GLY A 57 -15.53 -5.45 -0.99
C GLY A 57 -16.55 -4.33 -1.06
N ALA A 1 -9.97 -10.93 1.20
CA ALA A 1 -9.03 -9.81 1.33
C ALA A 1 -7.66 -10.27 0.83
N ALA A 2 -7.23 -9.76 -0.33
CA ALA A 2 -5.98 -10.05 -1.04
C ALA A 2 -4.83 -10.50 -0.13
N LYS A 3 -4.25 -11.68 -0.36
CA LYS A 3 -3.15 -12.24 0.42
C LYS A 3 -2.06 -11.18 0.73
N TYR A 4 -1.52 -10.54 -0.32
CA TYR A 4 -0.47 -9.56 -0.18
C TYR A 4 -0.84 -8.35 0.68
N CYS A 5 -2.14 -8.11 0.89
CA CYS A 5 -2.65 -7.04 1.75
C CYS A 5 -2.07 -7.11 3.16
N LYS A 6 -1.64 -8.31 3.59
CA LYS A 6 -0.95 -8.54 4.84
C LYS A 6 0.44 -7.90 4.89
N LEU A 7 1.09 -7.63 3.76
CA LEU A 7 2.37 -6.95 3.75
C LEU A 7 2.23 -5.58 4.40
N PRO A 8 3.21 -5.15 5.22
CA PRO A 8 3.12 -3.91 5.98
C PRO A 8 3.38 -2.70 5.09
N LEU A 9 3.36 -1.51 5.71
CA LEU A 9 3.86 -0.28 5.12
C LEU A 9 5.27 -0.53 4.57
N ARG A 10 5.44 -0.28 3.28
CA ARG A 10 6.63 -0.62 2.54
C ARG A 10 6.99 0.60 1.68
N ILE A 11 7.81 1.50 2.23
CA ILE A 11 8.27 2.64 1.47
C ILE A 11 9.26 2.19 0.40
N GLY A 12 10.05 1.17 0.73
CA GLY A 12 11.19 0.74 -0.06
C GLY A 12 12.39 1.59 0.32
N PRO A 13 13.61 1.13 0.01
CA PRO A 13 14.81 1.80 0.45
C PRO A 13 15.11 3.05 -0.39
N CYS A 14 14.39 3.36 -1.48
CA CYS A 14 14.84 4.44 -2.32
C CYS A 14 14.38 5.78 -1.75
N LYS A 15 15.00 6.86 -2.21
CA LYS A 15 14.98 8.15 -1.52
C LYS A 15 14.23 9.12 -2.43
N ARG A 16 13.13 8.59 -2.96
CA ARG A 16 12.13 9.22 -3.78
C ARG A 16 10.94 9.59 -2.89
N LYS A 17 9.91 10.18 -3.49
CA LYS A 17 8.68 10.54 -2.83
C LYS A 17 7.58 10.47 -3.90
N ILE A 18 6.75 9.43 -3.88
CA ILE A 18 5.65 9.26 -4.83
C ILE A 18 4.39 8.90 -4.03
N PRO A 19 3.32 9.71 -4.07
CA PRO A 19 2.12 9.41 -3.31
C PRO A 19 1.53 8.08 -3.76
N SER A 20 1.09 7.23 -2.84
CA SER A 20 0.34 6.02 -3.13
C SER A 20 -0.60 5.77 -1.95
N PHE A 21 -1.45 4.75 -2.08
CA PHE A 21 -2.18 4.17 -0.97
C PHE A 21 -1.68 2.73 -0.79
N TYR A 22 -1.76 2.21 0.43
CA TYR A 22 -1.50 0.82 0.73
C TYR A 22 -2.51 0.42 1.79
N TYR A 23 -2.51 -0.86 2.20
CA TYR A 23 -3.34 -1.31 3.30
C TYR A 23 -2.45 -1.68 4.48
N LYS A 24 -2.64 -1.07 5.65
CA LYS A 24 -1.91 -1.49 6.84
C LYS A 24 -2.67 -2.63 7.50
N TRP A 25 -2.03 -3.80 7.62
CA TRP A 25 -2.68 -5.00 8.10
C TRP A 25 -2.84 -4.96 9.61
N LYS A 26 -1.82 -4.43 10.32
CA LYS A 26 -1.86 -4.27 11.76
C LYS A 26 -3.05 -3.41 12.17
N ALA A 27 -3.52 -2.54 11.26
CA ALA A 27 -4.72 -1.72 11.41
C ALA A 27 -5.94 -2.42 10.78
N LYS A 28 -5.72 -3.12 9.67
CA LYS A 28 -6.69 -3.62 8.72
C LYS A 28 -7.47 -2.48 8.06
N GLN A 29 -6.77 -1.60 7.33
CA GLN A 29 -7.42 -0.53 6.57
C GLN A 29 -6.50 0.09 5.52
N CYS A 30 -7.11 0.70 4.49
CA CYS A 30 -6.42 1.40 3.40
C CYS A 30 -6.04 2.80 3.84
N LEU A 31 -4.79 3.22 3.58
CA LEU A 31 -4.22 4.47 4.06
C LEU A 31 -3.34 5.08 2.97
N PRO A 32 -3.27 6.42 2.86
CA PRO A 32 -2.32 7.12 2.00
C PRO A 32 -0.91 7.00 2.55
N PHE A 33 0.11 7.18 1.70
CA PHE A 33 1.50 7.34 2.10
C PHE A 33 2.33 7.81 0.91
N ASP A 34 3.65 8.00 1.09
CA ASP A 34 4.57 8.31 0.01
C ASP A 34 5.47 7.09 -0.16
N TYR A 35 5.34 6.40 -1.29
CA TYR A 35 6.22 5.34 -1.70
C TYR A 35 7.54 5.92 -2.20
N SER A 36 8.61 5.13 -2.18
CA SER A 36 9.83 5.51 -2.88
C SER A 36 9.63 5.32 -4.38
N GLY A 37 9.68 4.07 -4.82
CA GLY A 37 9.82 3.68 -6.21
C GLY A 37 10.47 2.31 -6.33
N CYS A 38 11.33 1.95 -5.36
CA CYS A 38 12.15 0.74 -5.39
C CYS A 38 11.64 -0.21 -4.31
N GLY A 39 12.03 -1.48 -4.37
CA GLY A 39 11.82 -2.50 -3.34
C GLY A 39 10.48 -2.39 -2.59
N GLY A 40 9.38 -2.31 -3.33
CA GLY A 40 8.04 -2.23 -2.75
C GLY A 40 7.45 -3.63 -2.57
N ASN A 41 6.13 -3.73 -2.73
CA ASN A 41 5.39 -4.97 -2.71
C ASN A 41 4.12 -4.78 -3.55
N ALA A 42 3.22 -5.76 -3.53
CA ALA A 42 1.94 -5.69 -4.24
C ALA A 42 0.92 -4.82 -3.49
N ASN A 43 1.14 -4.55 -2.21
CA ASN A 43 0.22 -3.78 -1.37
C ASN A 43 0.45 -2.29 -1.63
N ARG A 44 0.19 -1.84 -2.86
CA ARG A 44 0.43 -0.47 -3.25
C ARG A 44 -0.48 -0.14 -4.44
N PHE A 45 -1.28 0.91 -4.27
CA PHE A 45 -2.39 1.29 -5.11
C PHE A 45 -2.23 2.77 -5.42
N LYS A 46 -2.64 3.20 -6.62
CA LYS A 46 -2.62 4.60 -6.98
C LYS A 46 -3.82 5.31 -6.36
N THR A 47 -4.87 4.57 -5.98
CA THR A 47 -6.04 5.16 -5.33
C THR A 47 -6.46 4.38 -4.10
N ILE A 48 -7.07 5.09 -3.14
CA ILE A 48 -7.68 4.49 -1.98
C ILE A 48 -8.80 3.54 -2.41
N GLU A 49 -9.56 3.89 -3.46
CA GLU A 49 -10.68 3.07 -3.88
C GLU A 49 -10.19 1.77 -4.52
N GLU A 50 -9.10 1.82 -5.28
CA GLU A 50 -8.44 0.63 -5.78
C GLU A 50 -8.05 -0.28 -4.60
N CYS A 51 -7.37 0.26 -3.58
CA CYS A 51 -7.04 -0.51 -2.38
C CYS A 51 -8.30 -1.09 -1.74
N ARG A 52 -9.27 -0.21 -1.48
CA ARG A 52 -10.53 -0.54 -0.86
C ARG A 52 -11.12 -1.75 -1.55
N ARG A 53 -11.31 -1.65 -2.86
CA ARG A 53 -12.06 -2.65 -3.59
C ARG A 53 -11.26 -3.94 -3.72
N THR A 54 -9.94 -3.86 -3.63
CA THR A 54 -9.09 -5.04 -3.63
C THR A 54 -9.19 -5.79 -2.29
N CYS A 55 -9.09 -5.08 -1.15
CA CYS A 55 -8.87 -5.73 0.14
C CYS A 55 -10.13 -5.74 1.04
N VAL A 56 -10.85 -4.63 1.02
CA VAL A 56 -12.23 -4.46 1.48
C VAL A 56 -13.13 -4.76 0.25
N GLY A 57 -14.42 -4.36 0.27
CA GLY A 57 -15.25 -4.24 -0.94
C GLY A 57 -15.30 -2.79 -1.49
N ALA A 1 -10.44 -10.40 0.24
CA ALA A 1 -9.25 -9.64 0.66
C ALA A 1 -8.03 -10.26 -0.02
N ALA A 2 -7.02 -9.46 -0.39
CA ALA A 2 -5.85 -9.99 -1.08
C ALA A 2 -4.87 -10.64 -0.12
N LYS A 3 -3.95 -11.46 -0.66
CA LYS A 3 -2.91 -12.13 0.10
C LYS A 3 -1.86 -11.08 0.48
N TYR A 4 -1.32 -10.42 -0.54
CA TYR A 4 -0.36 -9.33 -0.37
C TYR A 4 -0.89 -8.18 0.49
N CYS A 5 -2.21 -8.08 0.66
CA CYS A 5 -2.83 -7.13 1.58
C CYS A 5 -2.22 -7.21 2.98
N LYS A 6 -1.73 -8.39 3.36
CA LYS A 6 -1.03 -8.60 4.63
C LYS A 6 0.28 -7.80 4.74
N LEU A 7 0.92 -7.44 3.63
CA LEU A 7 2.25 -6.85 3.65
C LEU A 7 2.23 -5.45 4.30
N PRO A 8 3.21 -5.12 5.15
CA PRO A 8 3.25 -3.87 5.92
C PRO A 8 3.69 -2.66 5.09
N LEU A 9 3.91 -1.53 5.78
CA LEU A 9 4.25 -0.26 5.14
C LEU A 9 5.64 -0.30 4.53
N ARG A 10 5.70 -0.83 3.32
CA ARG A 10 6.93 -1.13 2.64
C ARG A 10 7.26 0.00 1.67
N ILE A 11 7.89 1.06 2.17
CA ILE A 11 8.25 2.24 1.40
C ILE A 11 9.44 1.95 0.48
N GLY A 12 10.41 1.18 0.98
CA GLY A 12 11.65 0.90 0.29
C GLY A 12 12.76 1.79 0.85
N PRO A 13 14.02 1.43 0.61
CA PRO A 13 15.14 2.25 1.02
C PRO A 13 15.37 3.42 0.05
N CYS A 14 14.55 3.64 -1.00
CA CYS A 14 14.91 4.69 -1.93
C CYS A 14 14.28 6.01 -1.49
N LYS A 15 14.81 7.12 -2.03
CA LYS A 15 14.70 8.42 -1.35
C LYS A 15 13.85 9.33 -2.21
N ARG A 16 12.82 8.70 -2.76
CA ARG A 16 11.86 9.23 -3.69
C ARG A 16 10.60 9.59 -2.90
N LYS A 17 9.61 10.13 -3.61
CA LYS A 17 8.36 10.63 -3.04
C LYS A 17 7.27 10.49 -4.10
N ILE A 18 6.59 9.34 -4.14
CA ILE A 18 5.57 9.02 -5.13
C ILE A 18 4.24 8.70 -4.41
N PRO A 19 3.22 9.57 -4.45
CA PRO A 19 2.00 9.38 -3.67
C PRO A 19 1.33 8.05 -4.04
N SER A 20 1.10 7.18 -3.05
CA SER A 20 0.44 5.89 -3.21
C SER A 20 -0.47 5.62 -2.01
N PHE A 21 -1.23 4.54 -2.12
CA PHE A 21 -2.06 3.98 -1.05
C PHE A 21 -1.71 2.51 -0.89
N TYR A 22 -1.72 1.98 0.33
CA TYR A 22 -1.54 0.56 0.63
C TYR A 22 -2.53 0.21 1.72
N TYR A 23 -2.61 -1.08 2.06
CA TYR A 23 -3.43 -1.53 3.17
C TYR A 23 -2.55 -1.88 4.37
N LYS A 24 -2.78 -1.23 5.51
CA LYS A 24 -2.05 -1.58 6.71
C LYS A 24 -2.75 -2.73 7.41
N TRP A 25 -2.35 -3.98 7.14
CA TRP A 25 -2.98 -5.12 7.81
C TRP A 25 -2.87 -5.05 9.33
N LYS A 26 -1.84 -4.38 9.85
CA LYS A 26 -1.71 -4.13 11.28
C LYS A 26 -2.96 -3.42 11.85
N ALA A 27 -3.61 -2.59 11.04
CA ALA A 27 -4.83 -1.86 11.39
C ALA A 27 -6.07 -2.41 10.66
N LYS A 28 -5.86 -3.17 9.58
CA LYS A 28 -6.87 -3.61 8.64
C LYS A 28 -7.62 -2.44 8.02
N GLN A 29 -6.90 -1.55 7.32
CA GLN A 29 -7.49 -0.44 6.58
C GLN A 29 -6.52 0.12 5.53
N CYS A 30 -7.07 0.76 4.50
CA CYS A 30 -6.33 1.42 3.42
C CYS A 30 -5.85 2.78 3.90
N LEU A 31 -4.59 3.12 3.65
CA LEU A 31 -3.98 4.38 4.09
C LEU A 31 -3.08 4.95 2.97
N PRO A 32 -3.01 6.28 2.82
CA PRO A 32 -2.09 6.97 1.91
C PRO A 32 -0.64 6.93 2.45
N PHE A 33 0.33 7.16 1.56
CA PHE A 33 1.74 7.34 1.88
C PHE A 33 2.50 7.80 0.62
N ASP A 34 3.82 8.00 0.72
CA ASP A 34 4.69 8.32 -0.40
C ASP A 34 5.66 7.17 -0.63
N TYR A 35 5.50 6.44 -1.73
CA TYR A 35 6.38 5.36 -2.12
C TYR A 35 7.70 5.91 -2.63
N SER A 36 8.75 5.09 -2.54
CA SER A 36 10.01 5.39 -3.16
C SER A 36 9.95 5.04 -4.65
N GLY A 37 9.83 3.75 -4.95
CA GLY A 37 10.06 3.19 -6.28
C GLY A 37 10.90 1.92 -6.21
N CYS A 38 11.66 1.74 -5.12
CA CYS A 38 12.54 0.60 -4.93
C CYS A 38 11.93 -0.25 -3.82
N GLY A 39 12.32 -1.53 -3.74
CA GLY A 39 12.00 -2.45 -2.64
C GLY A 39 10.61 -2.24 -2.02
N GLY A 40 9.57 -2.22 -2.86
CA GLY A 40 8.18 -2.16 -2.41
C GLY A 40 7.64 -3.58 -2.32
N ASN A 41 6.37 -3.74 -2.65
CA ASN A 41 5.65 -5.00 -2.72
C ASN A 41 4.36 -4.78 -3.51
N ALA A 42 3.48 -5.79 -3.52
CA ALA A 42 2.22 -5.73 -4.27
C ALA A 42 1.13 -4.93 -3.56
N ASN A 43 1.39 -4.42 -2.35
CA ASN A 43 0.43 -3.64 -1.59
C ASN A 43 0.60 -2.17 -1.99
N ARG A 44 0.18 -1.82 -3.21
CA ARG A 44 0.29 -0.45 -3.72
C ARG A 44 -0.84 -0.14 -4.70
N PHE A 45 -1.50 1.00 -4.49
CA PHE A 45 -2.67 1.44 -5.23
C PHE A 45 -2.52 2.93 -5.48
N LYS A 46 -2.96 3.38 -6.66
CA LYS A 46 -2.98 4.78 -7.02
C LYS A 46 -4.13 5.52 -6.33
N THR A 47 -5.13 4.79 -5.84
CA THR A 47 -6.29 5.37 -5.17
C THR A 47 -6.70 4.54 -3.94
N ILE A 48 -7.28 5.23 -2.95
CA ILE A 48 -7.88 4.60 -1.79
C ILE A 48 -8.97 3.62 -2.21
N GLU A 49 -9.73 3.96 -3.26
CA GLU A 49 -10.86 3.14 -3.67
C GLU A 49 -10.37 1.81 -4.24
N GLU A 50 -9.28 1.83 -4.99
CA GLU A 50 -8.74 0.62 -5.59
C GLU A 50 -8.27 -0.32 -4.46
N CYS A 51 -7.58 0.25 -3.45
CA CYS A 51 -7.25 -0.52 -2.25
C CYS A 51 -8.52 -1.02 -1.56
N ARG A 52 -9.45 -0.11 -1.26
CA ARG A 52 -10.68 -0.42 -0.56
C ARG A 52 -11.33 -1.63 -1.21
N ARG A 53 -11.56 -1.55 -2.51
CA ARG A 53 -12.32 -2.56 -3.23
C ARG A 53 -11.54 -3.87 -3.33
N THR A 54 -10.20 -3.80 -3.36
CA THR A 54 -9.39 -5.00 -3.32
C THR A 54 -9.55 -5.71 -1.98
N CYS A 55 -9.38 -4.97 -0.88
CA CYS A 55 -9.15 -5.62 0.41
C CYS A 55 -10.36 -5.63 1.33
N VAL A 56 -11.12 -4.54 1.31
CA VAL A 56 -12.45 -4.39 1.86
C VAL A 56 -13.46 -4.71 0.72
N GLY A 57 -14.74 -4.36 0.86
CA GLY A 57 -15.74 -4.47 -0.20
C GLY A 57 -15.71 -3.25 -1.13
N ALA A 1 -9.98 -10.73 1.04
CA ALA A 1 -8.87 -9.80 0.74
C ALA A 1 -7.77 -10.58 0.01
N ALA A 2 -6.89 -9.88 -0.71
CA ALA A 2 -5.74 -10.50 -1.38
C ALA A 2 -4.71 -10.98 -0.35
N LYS A 3 -3.76 -11.82 -0.77
CA LYS A 3 -2.67 -12.25 0.10
C LYS A 3 -1.80 -11.05 0.46
N TYR A 4 -1.36 -10.31 -0.55
CA TYR A 4 -0.48 -9.16 -0.37
C TYR A 4 -1.08 -8.08 0.52
N CYS A 5 -2.41 -8.07 0.65
CA CYS A 5 -3.14 -7.20 1.57
C CYS A 5 -2.52 -7.23 2.97
N LYS A 6 -1.96 -8.38 3.38
CA LYS A 6 -1.33 -8.56 4.68
C LYS A 6 0.03 -7.86 4.81
N LEU A 7 0.70 -7.50 3.71
CA LEU A 7 2.04 -6.95 3.79
C LEU A 7 1.99 -5.56 4.47
N PRO A 8 2.97 -5.25 5.34
CA PRO A 8 2.94 -4.03 6.14
C PRO A 8 3.35 -2.80 5.32
N LEU A 9 3.40 -1.64 5.97
CA LEU A 9 3.96 -0.44 5.36
C LEU A 9 5.39 -0.74 4.93
N ARG A 10 5.73 -0.28 3.75
CA ARG A 10 6.93 -0.67 3.05
C ARG A 10 7.25 0.48 2.10
N ILE A 11 7.82 1.57 2.64
CA ILE A 11 8.16 2.75 1.86
C ILE A 11 9.21 2.38 0.81
N GLY A 12 10.12 1.47 1.16
CA GLY A 12 11.13 0.95 0.25
C GLY A 12 12.37 1.86 0.28
N PRO A 13 13.56 1.30 0.03
CA PRO A 13 14.83 1.99 0.27
C PRO A 13 15.24 2.95 -0.85
N CYS A 14 14.39 3.29 -1.82
CA CYS A 14 14.75 4.31 -2.80
C CYS A 14 14.60 5.70 -2.15
N LYS A 15 15.16 6.72 -2.80
CA LYS A 15 15.14 8.10 -2.32
C LYS A 15 14.20 8.93 -3.18
N ARG A 16 13.01 8.37 -3.42
CA ARG A 16 11.91 8.97 -4.16
C ARG A 16 10.72 9.17 -3.22
N LYS A 17 9.65 9.80 -3.73
CA LYS A 17 8.50 10.24 -2.95
C LYS A 17 7.29 10.29 -3.90
N ILE A 18 6.60 9.16 -4.05
CA ILE A 18 5.47 8.99 -4.95
C ILE A 18 4.21 8.71 -4.12
N PRO A 19 3.28 9.67 -3.99
CA PRO A 19 2.10 9.49 -3.16
C PRO A 19 1.23 8.35 -3.69
N SER A 20 1.03 7.31 -2.87
CA SER A 20 0.26 6.10 -3.18
C SER A 20 -0.61 5.78 -1.97
N PHE A 21 -1.36 4.68 -2.06
CA PHE A 21 -2.16 4.10 -0.99
C PHE A 21 -1.76 2.64 -0.81
N TYR A 22 -1.81 2.14 0.42
CA TYR A 22 -1.54 0.76 0.79
C TYR A 22 -2.53 0.35 1.88
N TYR A 23 -2.64 -0.94 2.17
CA TYR A 23 -3.47 -1.47 3.23
C TYR A 23 -2.61 -1.83 4.43
N LYS A 24 -2.65 -1.04 5.51
CA LYS A 24 -1.85 -1.40 6.68
C LYS A 24 -2.57 -2.52 7.43
N TRP A 25 -2.14 -3.76 7.23
CA TRP A 25 -2.74 -4.92 7.89
C TRP A 25 -2.67 -4.82 9.42
N LYS A 26 -1.67 -4.12 9.95
CA LYS A 26 -1.58 -3.86 11.38
C LYS A 26 -2.83 -3.12 11.90
N ALA A 27 -3.46 -2.30 11.05
CA ALA A 27 -4.74 -1.64 11.31
C ALA A 27 -5.91 -2.40 10.67
N LYS A 28 -5.63 -3.13 9.59
CA LYS A 28 -6.60 -3.66 8.63
C LYS A 28 -7.39 -2.52 7.99
N GLN A 29 -6.70 -1.58 7.33
CA GLN A 29 -7.38 -0.53 6.57
C GLN A 29 -6.45 0.11 5.54
N CYS A 30 -7.05 0.72 4.52
CA CYS A 30 -6.36 1.45 3.45
C CYS A 30 -5.97 2.83 3.93
N LEU A 31 -4.73 3.24 3.66
CA LEU A 31 -4.15 4.51 4.07
C LEU A 31 -3.29 5.08 2.93
N PRO A 32 -3.17 6.41 2.81
CA PRO A 32 -2.22 7.05 1.92
C PRO A 32 -0.80 6.97 2.50
N PHE A 33 0.22 7.18 1.66
CA PHE A 33 1.61 7.30 2.07
C PHE A 33 2.47 7.72 0.87
N ASP A 34 3.76 8.00 1.08
CA ASP A 34 4.73 8.18 0.01
C ASP A 34 5.39 6.83 -0.21
N TYR A 35 5.32 6.26 -1.43
CA TYR A 35 6.22 5.18 -1.81
C TYR A 35 7.54 5.79 -2.22
N SER A 36 8.63 5.03 -2.10
CA SER A 36 9.88 5.42 -2.71
C SER A 36 9.79 5.12 -4.22
N GLY A 37 10.03 3.88 -4.60
CA GLY A 37 9.99 3.47 -6.00
C GLY A 37 10.50 2.04 -6.16
N CYS A 38 11.60 1.71 -5.48
CA CYS A 38 12.19 0.38 -5.47
C CYS A 38 12.01 -0.27 -4.10
N GLY A 39 11.96 -1.61 -4.11
CA GLY A 39 11.89 -2.44 -2.91
C GLY A 39 10.62 -2.24 -2.07
N GLY A 40 9.51 -1.83 -2.69
CA GLY A 40 8.20 -1.86 -2.07
C GLY A 40 7.72 -3.29 -1.84
N ASN A 41 6.46 -3.54 -2.18
CA ASN A 41 5.78 -4.81 -2.25
C ASN A 41 4.50 -4.57 -3.07
N ALA A 42 3.67 -5.61 -3.22
CA ALA A 42 2.46 -5.56 -4.04
C ALA A 42 1.31 -4.77 -3.38
N ASN A 43 1.43 -4.44 -2.11
CA ASN A 43 0.43 -3.67 -1.37
C ASN A 43 0.52 -2.20 -1.78
N ARG A 44 0.11 -1.86 -3.01
CA ARG A 44 0.23 -0.50 -3.52
C ARG A 44 -0.84 -0.17 -4.56
N PHE A 45 -1.49 0.98 -4.39
CA PHE A 45 -2.62 1.44 -5.17
C PHE A 45 -2.46 2.94 -5.41
N LYS A 46 -2.88 3.41 -6.58
CA LYS A 46 -2.92 4.84 -6.83
C LYS A 46 -4.08 5.51 -6.07
N THR A 47 -5.10 4.75 -5.67
CA THR A 47 -6.26 5.31 -5.01
C THR A 47 -6.65 4.50 -3.78
N ILE A 48 -7.24 5.18 -2.79
CA ILE A 48 -7.90 4.54 -1.66
C ILE A 48 -8.96 3.59 -2.18
N GLU A 49 -9.69 3.95 -3.23
CA GLU A 49 -10.82 3.18 -3.67
C GLU A 49 -10.35 1.89 -4.33
N GLU A 50 -9.22 1.92 -5.04
CA GLU A 50 -8.69 0.69 -5.60
C GLU A 50 -8.21 -0.22 -4.46
N CYS A 51 -7.46 0.34 -3.50
CA CYS A 51 -7.08 -0.42 -2.31
C CYS A 51 -8.31 -1.04 -1.66
N ARG A 52 -9.30 -0.20 -1.35
CA ARG A 52 -10.50 -0.65 -0.68
C ARG A 52 -11.21 -1.72 -1.51
N ARG A 53 -11.33 -1.53 -2.82
CA ARG A 53 -12.03 -2.49 -3.67
C ARG A 53 -11.27 -3.82 -3.78
N THR A 54 -9.94 -3.80 -3.60
CA THR A 54 -9.13 -5.00 -3.70
C THR A 54 -9.08 -5.76 -2.38
N CYS A 55 -8.85 -5.05 -1.27
CA CYS A 55 -8.72 -5.65 0.05
C CYS A 55 -10.10 -5.88 0.68
N VAL A 56 -10.99 -4.88 0.57
CA VAL A 56 -12.33 -4.83 1.14
C VAL A 56 -13.33 -5.08 -0.01
N GLY A 57 -14.61 -5.19 0.31
CA GLY A 57 -15.70 -5.45 -0.62
C GLY A 57 -16.71 -6.29 0.14
N ALA A 1 -9.94 -9.07 -0.26
CA ALA A 1 -8.72 -9.49 0.46
C ALA A 1 -7.76 -10.25 -0.46
N ALA A 2 -6.46 -10.05 -0.26
CA ALA A 2 -5.38 -10.65 -1.02
C ALA A 2 -4.32 -11.14 -0.02
N LYS A 3 -3.31 -11.88 -0.50
CA LYS A 3 -2.16 -12.21 0.33
C LYS A 3 -1.43 -10.91 0.66
N TYR A 4 -1.02 -10.19 -0.38
CA TYR A 4 -0.16 -9.02 -0.25
C TYR A 4 -0.80 -7.93 0.61
N CYS A 5 -2.13 -7.96 0.77
CA CYS A 5 -2.84 -7.01 1.62
C CYS A 5 -2.26 -6.99 3.04
N LYS A 6 -1.72 -8.12 3.48
CA LYS A 6 -1.03 -8.25 4.76
C LYS A 6 0.27 -7.47 4.87
N LEU A 7 0.96 -7.19 3.75
CA LEU A 7 2.30 -6.61 3.82
C LEU A 7 2.25 -5.22 4.46
N PRO A 8 3.21 -4.87 5.32
CA PRO A 8 3.18 -3.62 6.07
C PRO A 8 3.56 -2.41 5.19
N LEU A 9 3.74 -1.25 5.85
CA LEU A 9 4.14 0.00 5.21
C LEU A 9 5.50 -0.15 4.53
N ARG A 10 5.47 -0.51 3.25
CA ARG A 10 6.65 -0.83 2.48
C ARG A 10 6.95 0.31 1.51
N ILE A 11 7.54 1.38 2.05
CA ILE A 11 8.04 2.51 1.28
C ILE A 11 9.03 2.02 0.20
N GLY A 12 9.74 0.94 0.51
CA GLY A 12 10.81 0.39 -0.29
C GLY A 12 12.11 1.02 0.19
N PRO A 13 13.25 0.51 -0.31
CA PRO A 13 14.55 0.95 0.10
C PRO A 13 14.84 2.40 -0.33
N CYS A 14 14.21 2.91 -1.41
CA CYS A 14 14.66 4.16 -1.98
C CYS A 14 14.11 5.32 -1.17
N LYS A 15 14.69 6.49 -1.36
CA LYS A 15 14.44 7.68 -0.56
C LYS A 15 13.85 8.73 -1.49
N ARG A 16 12.79 8.32 -2.19
CA ARG A 16 11.94 9.15 -3.02
C ARG A 16 10.53 9.23 -2.41
N LYS A 17 9.70 10.09 -3.00
CA LYS A 17 8.46 10.59 -2.41
C LYS A 17 7.37 10.61 -3.48
N ILE A 18 6.79 9.44 -3.78
CA ILE A 18 5.72 9.27 -4.78
C ILE A 18 4.42 8.90 -4.04
N PRO A 19 3.42 9.79 -3.97
CA PRO A 19 2.23 9.52 -3.17
C PRO A 19 1.50 8.26 -3.69
N SER A 20 1.25 7.29 -2.81
CA SER A 20 0.43 6.12 -3.10
C SER A 20 -0.43 5.80 -1.88
N PHE A 21 -1.22 4.72 -1.98
CA PHE A 21 -2.02 4.15 -0.90
C PHE A 21 -1.63 2.69 -0.72
N TYR A 22 -1.62 2.19 0.52
CA TYR A 22 -1.37 0.79 0.84
C TYR A 22 -2.39 0.35 1.89
N TYR A 23 -2.55 -0.95 2.09
CA TYR A 23 -3.41 -1.47 3.15
C TYR A 23 -2.59 -1.73 4.40
N LYS A 24 -2.74 -0.91 5.44
CA LYS A 24 -2.10 -1.23 6.71
C LYS A 24 -2.91 -2.33 7.39
N TRP A 25 -2.59 -3.60 7.11
CA TRP A 25 -3.22 -4.75 7.76
C TRP A 25 -3.17 -4.65 9.29
N LYS A 26 -2.15 -3.97 9.82
CA LYS A 26 -2.01 -3.72 11.26
C LYS A 26 -3.18 -2.87 11.80
N ALA A 27 -3.77 -2.02 10.96
CA ALA A 27 -5.05 -1.34 11.23
C ALA A 27 -6.22 -2.03 10.55
N LYS A 28 -5.95 -2.92 9.59
CA LYS A 28 -6.97 -3.57 8.79
C LYS A 28 -7.67 -2.53 7.88
N GLN A 29 -6.95 -1.51 7.39
CA GLN A 29 -7.53 -0.53 6.48
C GLN A 29 -6.50 0.11 5.53
N CYS A 30 -6.99 0.82 4.52
CA CYS A 30 -6.22 1.51 3.48
C CYS A 30 -5.78 2.87 3.98
N LEU A 31 -4.52 3.25 3.74
CA LEU A 31 -3.99 4.54 4.15
C LEU A 31 -3.03 5.08 3.09
N PRO A 32 -2.93 6.41 2.93
CA PRO A 32 -1.98 7.04 2.04
C PRO A 32 -0.56 6.92 2.62
N PHE A 33 0.45 7.05 1.76
CA PHE A 33 1.86 7.10 2.15
C PHE A 33 2.69 7.58 0.96
N ASP A 34 4.00 7.72 1.16
CA ASP A 34 4.95 8.04 0.12
C ASP A 34 5.68 6.76 -0.24
N TYR A 35 5.63 6.37 -1.52
CA TYR A 35 6.36 5.24 -2.06
C TYR A 35 7.64 5.74 -2.73
N SER A 36 8.67 4.90 -2.75
CA SER A 36 9.98 5.30 -3.25
C SER A 36 10.13 5.12 -4.77
N GLY A 37 9.41 4.13 -5.32
CA GLY A 37 9.54 3.72 -6.71
C GLY A 37 10.32 2.42 -6.86
N CYS A 38 11.15 2.07 -5.88
CA CYS A 38 12.08 0.94 -5.98
C CYS A 38 11.40 -0.29 -5.39
N GLY A 39 12.10 -1.11 -4.60
CA GLY A 39 11.67 -2.42 -4.10
C GLY A 39 10.18 -2.55 -3.82
N GLY A 40 9.70 -1.84 -2.79
CA GLY A 40 8.31 -1.87 -2.38
C GLY A 40 7.78 -3.28 -2.15
N ASN A 41 6.52 -3.48 -2.50
CA ASN A 41 5.83 -4.76 -2.60
C ASN A 41 4.60 -4.57 -3.50
N ALA A 42 3.63 -5.50 -3.39
CA ALA A 42 2.39 -5.47 -4.17
C ALA A 42 1.25 -4.72 -3.48
N ASN A 43 1.38 -4.40 -2.20
CA ASN A 43 0.36 -3.73 -1.42
C ASN A 43 0.39 -2.22 -1.72
N ARG A 44 0.08 -1.81 -2.95
CA ARG A 44 0.26 -0.43 -3.35
C ARG A 44 -0.68 -0.06 -4.50
N PHE A 45 -1.37 1.07 -4.34
CA PHE A 45 -2.48 1.52 -5.17
C PHE A 45 -2.32 3.02 -5.40
N LYS A 46 -2.76 3.49 -6.56
CA LYS A 46 -2.79 4.91 -6.84
C LYS A 46 -4.02 5.53 -6.20
N THR A 47 -5.06 4.72 -5.96
CA THR A 47 -6.30 5.19 -5.37
C THR A 47 -6.59 4.43 -4.07
N ILE A 48 -7.35 5.08 -3.20
CA ILE A 48 -7.96 4.45 -2.05
C ILE A 48 -9.00 3.43 -2.51
N GLU A 49 -9.73 3.70 -3.60
CA GLU A 49 -10.78 2.79 -4.02
C GLU A 49 -10.21 1.47 -4.53
N GLU A 50 -9.08 1.48 -5.26
CA GLU A 50 -8.46 0.23 -5.66
C GLU A 50 -8.12 -0.58 -4.39
N CYS A 51 -7.46 0.08 -3.42
CA CYS A 51 -7.07 -0.58 -2.17
C CYS A 51 -8.28 -1.15 -1.46
N ARG A 52 -9.28 -0.28 -1.21
CA ARG A 52 -10.49 -0.66 -0.53
C ARG A 52 -11.13 -1.84 -1.27
N ARG A 53 -11.26 -1.76 -2.59
CA ARG A 53 -11.91 -2.81 -3.38
C ARG A 53 -11.10 -4.09 -3.37
N THR A 54 -9.77 -4.00 -3.35
CA THR A 54 -8.92 -5.16 -3.30
C THR A 54 -9.18 -5.92 -2.00
N CYS A 55 -9.16 -5.19 -0.87
CA CYS A 55 -9.16 -5.84 0.43
C CYS A 55 -10.55 -5.95 1.04
N VAL A 56 -11.26 -4.82 1.14
CA VAL A 56 -12.66 -4.64 1.51
C VAL A 56 -13.51 -4.87 0.24
N GLY A 57 -14.80 -4.52 0.26
CA GLY A 57 -15.67 -4.51 -0.90
C GLY A 57 -15.69 -3.14 -1.58
N ALA A 1 -9.54 -10.73 1.32
CA ALA A 1 -8.46 -9.76 1.03
C ALA A 1 -7.30 -10.49 0.36
N ALA A 2 -6.43 -9.77 -0.36
CA ALA A 2 -5.30 -10.34 -1.10
C ALA A 2 -4.15 -10.72 -0.17
N LYS A 3 -3.14 -11.49 -0.62
CA LYS A 3 -2.18 -12.05 0.32
C LYS A 3 -1.27 -10.91 0.71
N TYR A 4 -0.85 -10.19 -0.32
CA TYR A 4 -0.03 -9.01 -0.17
C TYR A 4 -0.71 -7.98 0.73
N CYS A 5 -2.03 -8.06 0.88
CA CYS A 5 -2.75 -7.17 1.77
C CYS A 5 -2.27 -7.31 3.22
N LYS A 6 -1.71 -8.47 3.58
CA LYS A 6 -1.04 -8.65 4.86
C LYS A 6 0.28 -7.85 4.96
N LEU A 7 0.96 -7.59 3.84
CA LEU A 7 2.28 -6.99 3.86
C LEU A 7 2.19 -5.55 4.41
N PRO A 8 3.14 -5.13 5.27
CA PRO A 8 3.06 -3.88 6.00
C PRO A 8 3.50 -2.68 5.14
N LEU A 9 3.65 -1.53 5.79
CA LEU A 9 4.10 -0.29 5.17
C LEU A 9 5.50 -0.45 4.61
N ARG A 10 5.55 -0.68 3.30
CA ARG A 10 6.76 -0.89 2.55
C ARG A 10 6.99 0.33 1.69
N ILE A 11 7.63 1.34 2.28
CA ILE A 11 8.02 2.56 1.57
C ILE A 11 9.09 2.20 0.54
N GLY A 12 10.14 1.52 0.99
CA GLY A 12 11.18 0.96 0.11
C GLY A 12 12.48 1.77 0.23
N PRO A 13 13.65 1.13 0.05
CA PRO A 13 14.95 1.74 0.31
C PRO A 13 15.41 2.57 -0.88
N CYS A 14 14.52 3.38 -1.45
CA CYS A 14 14.83 4.33 -2.50
C CYS A 14 14.73 5.75 -1.92
N LYS A 15 15.25 6.73 -2.66
CA LYS A 15 15.37 8.12 -2.23
C LYS A 15 14.40 9.00 -3.03
N ARG A 16 13.16 8.52 -3.10
CA ARG A 16 12.02 9.21 -3.69
C ARG A 16 10.87 9.16 -2.70
N LYS A 17 9.80 9.88 -3.03
CA LYS A 17 8.54 9.90 -2.32
C LYS A 17 7.47 10.08 -3.40
N ILE A 18 6.53 9.14 -3.54
CA ILE A 18 5.50 9.10 -4.57
C ILE A 18 4.17 8.78 -3.88
N PRO A 19 3.19 9.70 -3.88
CA PRO A 19 1.92 9.49 -3.18
C PRO A 19 1.22 8.26 -3.74
N SER A 20 0.86 7.32 -2.88
CA SER A 20 0.08 6.14 -3.20
C SER A 20 -0.74 5.76 -1.98
N PHE A 21 -1.52 4.68 -2.11
CA PHE A 21 -2.28 4.07 -1.04
C PHE A 21 -1.84 2.62 -0.88
N TYR A 22 -1.82 2.12 0.35
CA TYR A 22 -1.57 0.73 0.68
C TYR A 22 -2.55 0.33 1.79
N TYR A 23 -2.67 -0.97 2.04
CA TYR A 23 -3.50 -1.52 3.09
C TYR A 23 -2.62 -1.89 4.29
N LYS A 24 -2.69 -1.16 5.39
CA LYS A 24 -1.90 -1.53 6.57
C LYS A 24 -2.63 -2.62 7.34
N TRP A 25 -2.23 -3.88 7.19
CA TRP A 25 -2.86 -5.00 7.89
C TRP A 25 -2.85 -4.82 9.41
N LYS A 26 -1.80 -4.18 9.94
CA LYS A 26 -1.69 -3.86 11.36
C LYS A 26 -2.89 -3.00 11.82
N ALA A 27 -3.50 -2.24 10.91
CA ALA A 27 -4.70 -1.43 11.14
C ALA A 27 -5.95 -2.03 10.48
N LYS A 28 -5.79 -2.90 9.48
CA LYS A 28 -6.84 -3.50 8.68
C LYS A 28 -7.65 -2.46 7.90
N GLN A 29 -6.96 -1.51 7.26
CA GLN A 29 -7.58 -0.54 6.37
C GLN A 29 -6.58 0.06 5.38
N CYS A 30 -7.13 0.74 4.37
CA CYS A 30 -6.41 1.41 3.30
C CYS A 30 -6.05 2.83 3.71
N LEU A 31 -4.80 3.23 3.46
CA LEU A 31 -4.20 4.44 4.00
C LEU A 31 -3.29 5.08 2.94
N PRO A 32 -3.21 6.43 2.88
CA PRO A 32 -2.27 7.16 2.04
C PRO A 32 -0.84 7.02 2.56
N PHE A 33 0.16 7.12 1.68
CA PHE A 33 1.57 7.22 2.06
C PHE A 33 2.40 7.64 0.85
N ASP A 34 3.69 7.90 1.07
CA ASP A 34 4.66 8.09 0.02
C ASP A 34 5.37 6.76 -0.19
N TYR A 35 5.19 6.12 -1.34
CA TYR A 35 6.06 5.05 -1.77
C TYR A 35 7.42 5.65 -2.13
N SER A 36 8.50 4.89 -2.04
CA SER A 36 9.78 5.36 -2.53
C SER A 36 9.80 5.25 -4.06
N GLY A 37 9.98 4.04 -4.58
CA GLY A 37 10.07 3.76 -6.01
C GLY A 37 10.55 2.34 -6.23
N CYS A 38 11.62 1.93 -5.54
CA CYS A 38 12.19 0.60 -5.60
C CYS A 38 11.98 -0.14 -4.28
N GLY A 39 11.97 -1.48 -4.35
CA GLY A 39 11.81 -2.35 -3.20
C GLY A 39 10.47 -2.14 -2.48
N GLY A 40 9.41 -1.99 -3.28
CA GLY A 40 8.04 -2.09 -2.80
C GLY A 40 7.54 -3.52 -2.94
N ASN A 41 6.62 -3.89 -2.05
CA ASN A 41 5.81 -5.11 -2.11
C ASN A 41 4.62 -4.90 -3.05
N ALA A 42 3.66 -5.82 -3.07
CA ALA A 42 2.50 -5.70 -3.96
C ALA A 42 1.34 -4.91 -3.34
N ASN A 43 1.52 -4.40 -2.11
CA ASN A 43 0.48 -3.66 -1.43
C ASN A 43 0.56 -2.19 -1.84
N ARG A 44 0.17 -1.87 -3.08
CA ARG A 44 0.26 -0.51 -3.61
C ARG A 44 -0.83 -0.23 -4.64
N PHE A 45 -1.50 0.91 -4.47
CA PHE A 45 -2.63 1.37 -5.26
C PHE A 45 -2.42 2.85 -5.51
N LYS A 46 -2.80 3.34 -6.69
CA LYS A 46 -2.78 4.76 -6.97
C LYS A 46 -3.89 5.46 -6.20
N THR A 47 -4.98 4.74 -5.93
CA THR A 47 -6.14 5.28 -5.23
C THR A 47 -6.48 4.43 -4.00
N ILE A 48 -7.07 5.10 -3.02
CA ILE A 48 -7.67 4.46 -1.86
C ILE A 48 -8.82 3.58 -2.30
N GLU A 49 -9.57 3.98 -3.32
CA GLU A 49 -10.73 3.22 -3.76
C GLU A 49 -10.32 1.89 -4.37
N GLU A 50 -9.25 1.87 -5.17
CA GLU A 50 -8.73 0.59 -5.64
C GLU A 50 -8.44 -0.28 -4.41
N CYS A 51 -7.58 0.21 -3.51
CA CYS A 51 -7.19 -0.52 -2.31
C CYS A 51 -8.41 -1.06 -1.57
N ARG A 52 -9.36 -0.17 -1.27
CA ARG A 52 -10.54 -0.52 -0.51
C ARG A 52 -11.29 -1.61 -1.28
N ARG A 53 -11.51 -1.39 -2.57
CA ARG A 53 -12.37 -2.25 -3.37
C ARG A 53 -11.69 -3.57 -3.70
N THR A 54 -10.36 -3.65 -3.58
CA THR A 54 -9.61 -4.88 -3.65
C THR A 54 -9.75 -5.67 -2.35
N CYS A 55 -9.41 -5.08 -1.20
CA CYS A 55 -9.30 -5.86 0.04
C CYS A 55 -10.58 -5.89 0.87
N VAL A 56 -11.27 -4.76 0.92
CA VAL A 56 -12.57 -4.55 1.54
C VAL A 56 -13.62 -4.69 0.42
N GLY A 57 -14.89 -4.40 0.72
CA GLY A 57 -15.88 -4.12 -0.31
C GLY A 57 -15.60 -2.76 -0.92
N ALA A 1 -10.01 -10.47 1.50
CA ALA A 1 -8.76 -9.69 1.40
C ALA A 1 -7.71 -10.50 0.65
N ALA A 2 -6.83 -9.85 -0.13
CA ALA A 2 -5.77 -10.50 -0.87
C ALA A 2 -4.64 -10.94 0.07
N LYS A 3 -3.70 -11.76 -0.41
CA LYS A 3 -2.55 -12.17 0.39
C LYS A 3 -1.69 -10.94 0.68
N TYR A 4 -1.35 -10.21 -0.37
CA TYR A 4 -0.48 -9.05 -0.26
C TYR A 4 -1.07 -7.94 0.60
N CYS A 5 -2.39 -7.97 0.82
CA CYS A 5 -3.08 -7.11 1.78
C CYS A 5 -2.34 -7.12 3.14
N LYS A 6 -1.74 -8.27 3.48
CA LYS A 6 -1.03 -8.49 4.72
C LYS A 6 0.37 -7.87 4.74
N LEU A 7 0.98 -7.59 3.58
CA LEU A 7 2.33 -7.06 3.52
C LEU A 7 2.36 -5.64 4.10
N PRO A 8 3.39 -5.27 4.87
CA PRO A 8 3.40 -4.05 5.68
C PRO A 8 3.76 -2.78 4.89
N LEU A 9 3.98 -1.68 5.62
CA LEU A 9 4.28 -0.38 5.05
C LEU A 9 5.64 -0.37 4.37
N ARG A 10 5.64 -0.83 3.14
CA ARG A 10 6.84 -1.00 2.37
C ARG A 10 7.01 0.24 1.52
N ILE A 11 7.48 1.32 2.15
CA ILE A 11 7.95 2.51 1.44
C ILE A 11 9.03 2.07 0.45
N GLY A 12 9.88 1.12 0.87
CA GLY A 12 11.02 0.65 0.12
C GLY A 12 12.21 1.58 0.35
N PRO A 13 13.43 1.14 0.02
CA PRO A 13 14.65 1.78 0.48
C PRO A 13 15.00 3.08 -0.24
N CYS A 14 14.30 3.46 -1.32
CA CYS A 14 14.75 4.59 -2.11
C CYS A 14 14.21 5.89 -1.53
N LYS A 15 14.80 7.00 -1.94
CA LYS A 15 14.54 8.31 -1.34
C LYS A 15 13.73 9.16 -2.33
N ARG A 16 12.76 8.50 -2.96
CA ARG A 16 11.74 9.12 -3.77
C ARG A 16 10.52 9.40 -2.88
N LYS A 17 9.53 10.07 -3.46
CA LYS A 17 8.27 10.43 -2.81
C LYS A 17 7.20 10.31 -3.90
N ILE A 18 6.48 9.19 -3.95
CA ILE A 18 5.39 8.97 -4.89
C ILE A 18 4.12 8.67 -4.07
N PRO A 19 3.16 9.61 -3.97
CA PRO A 19 1.99 9.44 -3.14
C PRO A 19 1.19 8.23 -3.61
N SER A 20 0.97 7.28 -2.71
CA SER A 20 0.21 6.05 -2.98
C SER A 20 -0.67 5.75 -1.76
N PHE A 21 -1.44 4.67 -1.87
CA PHE A 21 -2.26 4.10 -0.82
C PHE A 21 -1.91 2.63 -0.70
N TYR A 22 -1.87 2.10 0.52
CA TYR A 22 -1.65 0.69 0.79
C TYR A 22 -2.61 0.27 1.90
N TYR A 23 -2.73 -1.04 2.13
CA TYR A 23 -3.53 -1.56 3.21
C TYR A 23 -2.65 -1.81 4.43
N LYS A 24 -2.82 -1.05 5.52
CA LYS A 24 -2.06 -1.31 6.72
C LYS A 24 -2.74 -2.47 7.45
N TRP A 25 -2.31 -3.70 7.19
CA TRP A 25 -2.77 -4.90 7.88
C TRP A 25 -2.74 -4.70 9.41
N LYS A 26 -1.69 -4.05 9.89
CA LYS A 26 -1.48 -3.80 11.32
C LYS A 26 -2.51 -2.81 11.90
N ALA A 27 -3.33 -2.17 11.05
CA ALA A 27 -4.47 -1.34 11.42
C ALA A 27 -5.79 -1.95 10.94
N LYS A 28 -5.76 -2.73 9.86
CA LYS A 28 -6.90 -3.32 9.18
C LYS A 28 -7.67 -2.26 8.36
N GLN A 29 -6.95 -1.48 7.53
CA GLN A 29 -7.57 -0.45 6.71
C GLN A 29 -6.61 0.06 5.62
N CYS A 30 -7.17 0.69 4.58
CA CYS A 30 -6.41 1.35 3.51
C CYS A 30 -6.02 2.76 3.96
N LEU A 31 -4.77 3.16 3.75
CA LEU A 31 -4.21 4.43 4.19
C LEU A 31 -3.30 5.02 3.11
N PRO A 32 -3.17 6.35 3.02
CA PRO A 32 -2.21 7.04 2.15
C PRO A 32 -0.79 6.90 2.70
N PHE A 33 0.22 7.12 1.85
CA PHE A 33 1.63 7.22 2.22
C PHE A 33 2.43 7.69 0.99
N ASP A 34 3.75 7.87 1.14
CA ASP A 34 4.65 8.04 0.02
C ASP A 34 5.35 6.72 -0.22
N TYR A 35 5.27 6.18 -1.43
CA TYR A 35 6.17 5.12 -1.87
C TYR A 35 7.49 5.74 -2.29
N SER A 36 8.57 4.96 -2.25
CA SER A 36 9.79 5.34 -2.91
C SER A 36 9.63 5.08 -4.41
N GLY A 37 9.79 3.82 -4.81
CA GLY A 37 9.95 3.43 -6.20
C GLY A 37 10.62 2.06 -6.25
N CYS A 38 11.65 1.88 -5.41
CA CYS A 38 12.47 0.69 -5.34
C CYS A 38 11.91 -0.26 -4.29
N GLY A 39 12.10 -1.57 -4.50
CA GLY A 39 11.90 -2.59 -3.47
C GLY A 39 10.52 -2.61 -2.80
N GLY A 40 9.46 -2.16 -3.50
CA GLY A 40 8.11 -2.19 -2.98
C GLY A 40 7.49 -3.58 -3.11
N ASN A 41 6.52 -3.86 -2.23
CA ASN A 41 5.65 -5.04 -2.31
C ASN A 41 4.44 -4.78 -3.21
N ALA A 42 3.53 -5.75 -3.32
CA ALA A 42 2.31 -5.62 -4.11
C ALA A 42 1.23 -4.77 -3.42
N ASN A 43 1.39 -4.46 -2.13
CA ASN A 43 0.40 -3.69 -1.39
C ASN A 43 0.51 -2.21 -1.77
N ARG A 44 0.11 -1.82 -2.98
CA ARG A 44 0.32 -0.46 -3.45
C ARG A 44 -0.65 -0.05 -4.56
N PHE A 45 -1.36 1.05 -4.36
CA PHE A 45 -2.42 1.54 -5.22
C PHE A 45 -2.33 3.05 -5.33
N LYS A 46 -2.52 3.57 -6.54
CA LYS A 46 -2.53 5.01 -6.80
C LYS A 46 -3.71 5.69 -6.12
N THR A 47 -4.79 4.93 -5.88
CA THR A 47 -6.03 5.41 -5.31
C THR A 47 -6.30 4.67 -4.00
N ILE A 48 -7.08 5.29 -3.12
CA ILE A 48 -7.70 4.56 -2.03
C ILE A 48 -8.68 3.56 -2.62
N GLU A 49 -9.37 3.89 -3.70
CA GLU A 49 -10.37 3.03 -4.27
C GLU A 49 -9.79 1.68 -4.71
N GLU A 50 -8.66 1.67 -5.41
CA GLU A 50 -8.09 0.39 -5.82
C GLU A 50 -7.73 -0.44 -4.57
N CYS A 51 -7.20 0.19 -3.51
CA CYS A 51 -6.95 -0.54 -2.27
C CYS A 51 -8.26 -1.07 -1.68
N ARG A 52 -9.22 -0.17 -1.48
CA ARG A 52 -10.46 -0.48 -0.81
C ARG A 52 -11.16 -1.61 -1.55
N ARG A 53 -11.27 -1.51 -2.87
CA ARG A 53 -12.01 -2.48 -3.67
C ARG A 53 -11.29 -3.84 -3.74
N THR A 54 -9.99 -3.87 -3.44
CA THR A 54 -9.22 -5.11 -3.43
C THR A 54 -9.39 -5.79 -2.07
N CYS A 55 -9.08 -5.08 -0.98
CA CYS A 55 -9.04 -5.70 0.34
C CYS A 55 -10.44 -5.77 0.96
N VAL A 56 -11.27 -4.76 0.69
CA VAL A 56 -12.61 -4.55 1.25
C VAL A 56 -13.63 -4.68 0.10
N GLY A 57 -14.92 -4.63 0.43
CA GLY A 57 -16.02 -4.82 -0.49
C GLY A 57 -16.55 -6.25 -0.36
N ALA A 1 -9.91 -9.03 -0.58
CA ALA A 1 -8.67 -9.45 0.09
C ALA A 1 -7.79 -10.29 -0.84
N ALA A 2 -6.48 -10.14 -0.71
CA ALA A 2 -5.43 -10.77 -1.49
C ALA A 2 -4.17 -10.78 -0.61
N LYS A 3 -3.23 -11.71 -0.80
CA LYS A 3 -2.27 -12.02 0.27
C LYS A 3 -1.43 -10.79 0.60
N TYR A 4 -1.07 -10.05 -0.45
CA TYR A 4 -0.29 -8.85 -0.31
C TYR A 4 -0.93 -7.82 0.61
N CYS A 5 -2.26 -7.84 0.73
CA CYS A 5 -2.97 -6.97 1.66
C CYS A 5 -2.39 -7.05 3.07
N LYS A 6 -1.90 -8.23 3.45
CA LYS A 6 -1.28 -8.48 4.73
C LYS A 6 0.12 -7.86 4.88
N LEU A 7 0.80 -7.52 3.79
CA LEU A 7 2.13 -6.92 3.87
C LEU A 7 2.02 -5.54 4.53
N PRO A 8 3.00 -5.11 5.35
CA PRO A 8 2.92 -3.87 6.09
C PRO A 8 3.30 -2.66 5.22
N LEU A 9 3.38 -1.49 5.85
CA LEU A 9 3.84 -0.25 5.23
C LEU A 9 5.22 -0.47 4.65
N ARG A 10 5.30 -0.48 3.31
CA ARG A 10 6.52 -0.76 2.59
C ARG A 10 6.91 0.49 1.80
N ILE A 11 7.50 1.44 2.50
CA ILE A 11 8.04 2.65 1.89
C ILE A 11 9.08 2.25 0.83
N GLY A 12 9.93 1.29 1.15
CA GLY A 12 10.95 0.77 0.24
C GLY A 12 12.21 1.64 0.29
N PRO A 13 13.37 1.07 -0.03
CA PRO A 13 14.67 1.69 0.22
C PRO A 13 15.14 2.59 -0.93
N CYS A 14 14.25 3.27 -1.65
CA CYS A 14 14.69 4.17 -2.72
C CYS A 14 15.28 5.45 -2.15
N LYS A 15 15.59 6.42 -3.02
CA LYS A 15 15.88 7.80 -2.61
C LYS A 15 14.99 8.72 -3.44
N ARG A 16 13.70 8.42 -3.37
CA ARG A 16 12.58 9.13 -3.95
C ARG A 16 11.42 9.00 -2.97
N LYS A 17 10.28 9.61 -3.32
CA LYS A 17 9.03 9.62 -2.60
C LYS A 17 7.96 9.91 -3.65
N ILE A 18 6.93 9.08 -3.74
CA ILE A 18 5.82 9.14 -4.67
C ILE A 18 4.55 8.74 -3.90
N PRO A 19 3.50 9.58 -3.82
CA PRO A 19 2.29 9.25 -3.08
C PRO A 19 1.58 8.03 -3.67
N SER A 20 1.16 7.10 -2.81
CA SER A 20 0.33 5.94 -3.14
C SER A 20 -0.60 5.68 -1.95
N PHE A 21 -1.45 4.66 -2.07
CA PHE A 21 -2.21 4.08 -0.97
C PHE A 21 -1.74 2.63 -0.78
N TYR A 22 -1.84 2.11 0.44
CA TYR A 22 -1.61 0.72 0.77
C TYR A 22 -2.66 0.32 1.81
N TYR A 23 -2.75 -0.98 2.13
CA TYR A 23 -3.57 -1.46 3.22
C TYR A 23 -2.69 -1.74 4.44
N LYS A 24 -2.80 -0.95 5.52
CA LYS A 24 -2.05 -1.27 6.72
C LYS A 24 -2.78 -2.39 7.45
N TRP A 25 -2.39 -3.64 7.20
CA TRP A 25 -3.04 -4.80 7.81
C TRP A 25 -3.07 -4.70 9.34
N LYS A 26 -2.05 -4.09 9.91
CA LYS A 26 -1.96 -3.93 11.36
C LYS A 26 -3.04 -2.97 11.91
N ALA A 27 -3.64 -2.13 11.05
CA ALA A 27 -4.86 -1.37 11.36
C ALA A 27 -6.08 -1.92 10.62
N LYS A 28 -5.86 -2.81 9.64
CA LYS A 28 -6.86 -3.47 8.83
C LYS A 28 -7.64 -2.52 7.92
N GLN A 29 -7.00 -1.45 7.42
CA GLN A 29 -7.63 -0.48 6.53
C GLN A 29 -6.66 0.09 5.48
N CYS A 30 -7.22 0.71 4.43
CA CYS A 30 -6.50 1.38 3.35
C CYS A 30 -6.15 2.80 3.73
N LEU A 31 -4.91 3.23 3.45
CA LEU A 31 -4.35 4.48 3.93
C LEU A 31 -3.36 5.00 2.89
N PRO A 32 -3.12 6.33 2.83
CA PRO A 32 -2.10 6.91 1.96
C PRO A 32 -0.71 6.63 2.52
N PHE A 33 0.32 6.84 1.69
CA PHE A 33 1.72 6.97 2.11
C PHE A 33 2.52 7.52 0.94
N ASP A 34 3.77 7.93 1.20
CA ASP A 34 4.74 8.11 0.13
C ASP A 34 5.41 6.75 -0.04
N TYR A 35 5.18 6.08 -1.16
CA TYR A 35 6.05 4.99 -1.57
C TYR A 35 7.36 5.61 -2.04
N SER A 36 8.50 4.99 -1.80
CA SER A 36 9.77 5.61 -2.17
C SER A 36 9.89 5.65 -3.69
N GLY A 37 9.76 4.50 -4.34
CA GLY A 37 9.81 4.38 -5.79
C GLY A 37 10.27 2.98 -6.21
N CYS A 38 11.28 2.46 -5.51
CA CYS A 38 11.92 1.20 -5.81
C CYS A 38 12.02 0.35 -4.54
N GLY A 39 11.95 -0.98 -4.73
CA GLY A 39 11.97 -1.96 -3.67
C GLY A 39 10.70 -1.96 -2.80
N GLY A 40 9.56 -1.55 -3.37
CA GLY A 40 8.27 -1.72 -2.72
C GLY A 40 7.82 -3.17 -2.71
N ASN A 41 6.54 -3.38 -2.44
CA ASN A 41 5.86 -4.67 -2.54
C ASN A 41 4.58 -4.50 -3.35
N ALA A 42 3.65 -5.47 -3.25
CA ALA A 42 2.42 -5.48 -4.02
C ALA A 42 1.26 -4.77 -3.30
N ASN A 43 1.41 -4.42 -2.02
CA ASN A 43 0.37 -3.75 -1.26
C ASN A 43 0.41 -2.25 -1.58
N ARG A 44 0.07 -1.88 -2.82
CA ARG A 44 0.32 -0.52 -3.29
C ARG A 44 -0.62 -0.20 -4.45
N PHE A 45 -1.40 0.86 -4.28
CA PHE A 45 -2.53 1.24 -5.11
C PHE A 45 -2.42 2.73 -5.41
N LYS A 46 -2.78 3.14 -6.63
CA LYS A 46 -2.84 4.55 -6.98
C LYS A 46 -4.02 5.23 -6.27
N THR A 47 -5.05 4.47 -5.91
CA THR A 47 -6.23 5.03 -5.25
C THR A 47 -6.61 4.23 -4.01
N ILE A 48 -7.17 4.94 -3.02
CA ILE A 48 -7.78 4.32 -1.85
C ILE A 48 -8.93 3.43 -2.28
N GLU A 49 -9.69 3.82 -3.31
CA GLU A 49 -10.81 3.03 -3.76
C GLU A 49 -10.32 1.69 -4.28
N GLU A 50 -9.28 1.69 -5.12
CA GLU A 50 -8.77 0.42 -5.63
C GLU A 50 -8.33 -0.46 -4.46
N CYS A 51 -7.58 0.12 -3.52
CA CYS A 51 -7.19 -0.61 -2.31
C CYS A 51 -8.42 -1.18 -1.61
N ARG A 52 -9.40 -0.32 -1.32
CA ARG A 52 -10.52 -0.72 -0.50
C ARG A 52 -11.33 -1.79 -1.23
N ARG A 53 -11.58 -1.61 -2.52
CA ARG A 53 -12.40 -2.53 -3.29
C ARG A 53 -11.67 -3.85 -3.53
N THR A 54 -10.33 -3.82 -3.58
CA THR A 54 -9.54 -5.05 -3.69
C THR A 54 -9.53 -5.80 -2.35
N CYS A 55 -9.16 -5.13 -1.26
CA CYS A 55 -8.96 -5.82 0.00
C CYS A 55 -10.23 -5.95 0.82
N VAL A 56 -10.85 -4.81 1.11
CA VAL A 56 -12.17 -4.74 1.74
C VAL A 56 -13.22 -5.08 0.68
N GLY A 57 -14.50 -4.84 0.96
CA GLY A 57 -15.60 -4.92 0.03
C GLY A 57 -16.71 -4.06 0.63
N ALA A 1 -10.40 -10.81 0.37
CA ALA A 1 -9.18 -10.04 0.67
C ALA A 1 -7.97 -10.73 0.02
N ALA A 2 -7.02 -9.94 -0.51
CA ALA A 2 -5.81 -10.47 -1.13
C ALA A 2 -4.84 -11.04 -0.08
N LYS A 3 -3.81 -11.74 -0.56
CA LYS A 3 -2.72 -12.23 0.29
C LYS A 3 -1.83 -11.04 0.63
N TYR A 4 -1.36 -10.32 -0.40
CA TYR A 4 -0.47 -9.19 -0.23
C TYR A 4 -1.04 -8.11 0.70
N CYS A 5 -2.36 -8.10 0.87
CA CYS A 5 -3.04 -7.23 1.83
C CYS A 5 -2.49 -7.35 3.26
N LYS A 6 -1.93 -8.53 3.59
CA LYS A 6 -1.16 -8.76 4.81
C LYS A 6 0.12 -7.93 4.91
N LEU A 7 0.80 -7.63 3.81
CA LEU A 7 2.11 -7.01 3.87
C LEU A 7 2.02 -5.62 4.53
N PRO A 8 2.99 -5.22 5.37
CA PRO A 8 2.94 -3.98 6.12
C PRO A 8 3.28 -2.77 5.24
N LEU A 9 3.35 -1.59 5.86
CA LEU A 9 3.86 -0.38 5.22
C LEU A 9 5.25 -0.66 4.65
N ARG A 10 5.42 -0.38 3.36
CA ARG A 10 6.58 -0.78 2.60
C ARG A 10 7.01 0.39 1.72
N ILE A 11 7.86 1.24 2.29
CA ILE A 11 8.36 2.41 1.60
C ILE A 11 9.34 2.01 0.51
N GLY A 12 10.21 1.04 0.82
CA GLY A 12 11.30 0.59 -0.03
C GLY A 12 12.53 1.48 0.18
N PRO A 13 13.71 1.03 -0.26
CA PRO A 13 14.99 1.58 0.18
C PRO A 13 15.42 2.87 -0.56
N CYS A 14 14.66 3.33 -1.55
CA CYS A 14 15.02 4.54 -2.31
C CYS A 14 14.52 5.77 -1.54
N LYS A 15 14.63 6.95 -2.12
CA LYS A 15 14.17 8.19 -1.49
C LYS A 15 13.51 9.09 -2.53
N ARG A 16 12.49 8.57 -3.21
CA ARG A 16 11.57 9.35 -4.05
C ARG A 16 10.33 9.71 -3.22
N LYS A 17 9.43 10.47 -3.84
CA LYS A 17 8.19 10.96 -3.24
C LYS A 17 7.04 10.61 -4.19
N ILE A 18 6.66 9.34 -4.28
CA ILE A 18 5.56 8.88 -5.12
C ILE A 18 4.32 8.61 -4.25
N PRO A 19 3.37 9.54 -4.15
CA PRO A 19 2.21 9.38 -3.28
C PRO A 19 1.41 8.16 -3.73
N SER A 20 1.25 7.18 -2.86
CA SER A 20 0.48 5.96 -3.08
C SER A 20 -0.40 5.70 -1.86
N PHE A 21 -1.17 4.62 -1.91
CA PHE A 21 -1.94 4.08 -0.81
C PHE A 21 -1.55 2.62 -0.62
N TYR A 22 -1.68 2.09 0.60
CA TYR A 22 -1.47 0.69 0.94
C TYR A 22 -2.50 0.32 2.01
N TYR A 23 -2.63 -0.98 2.31
CA TYR A 23 -3.52 -1.48 3.35
C TYR A 23 -2.70 -1.87 4.58
N LYS A 24 -2.77 -1.13 5.69
CA LYS A 24 -2.03 -1.55 6.87
C LYS A 24 -2.78 -2.71 7.54
N TRP A 25 -2.35 -3.96 7.31
CA TRP A 25 -3.01 -5.14 7.88
C TRP A 25 -3.12 -5.08 9.40
N LYS A 26 -2.18 -4.41 10.05
CA LYS A 26 -2.24 -4.17 11.47
C LYS A 26 -3.53 -3.44 11.85
N ALA A 27 -3.91 -2.41 11.07
CA ALA A 27 -5.10 -1.59 11.31
C ALA A 27 -6.34 -2.16 10.61
N LYS A 28 -6.13 -2.92 9.54
CA LYS A 28 -7.13 -3.42 8.61
C LYS A 28 -7.80 -2.29 7.82
N GLN A 29 -7.04 -1.28 7.42
CA GLN A 29 -7.54 -0.16 6.62
C GLN A 29 -6.51 0.30 5.59
N CYS A 30 -7.04 0.92 4.53
CA CYS A 30 -6.29 1.58 3.47
C CYS A 30 -5.84 2.95 3.96
N LEU A 31 -4.58 3.31 3.71
CA LEU A 31 -3.97 4.56 4.17
C LEU A 31 -3.03 5.08 3.07
N PRO A 32 -2.86 6.41 2.94
CA PRO A 32 -1.92 7.04 2.02
C PRO A 32 -0.49 6.96 2.57
N PHE A 33 0.51 7.14 1.71
CA PHE A 33 1.91 7.32 2.07
C PHE A 33 2.70 7.75 0.83
N ASP A 34 4.01 7.99 0.97
CA ASP A 34 4.90 8.30 -0.16
C ASP A 34 5.83 7.12 -0.39
N TYR A 35 5.71 6.45 -1.54
CA TYR A 35 6.50 5.30 -1.91
C TYR A 35 7.86 5.73 -2.47
N SER A 36 8.89 4.90 -2.24
CA SER A 36 10.24 5.22 -2.65
C SER A 36 10.48 4.97 -4.14
N GLY A 37 9.56 4.28 -4.82
CA GLY A 37 9.69 3.98 -6.23
C GLY A 37 10.80 2.97 -6.50
N CYS A 38 11.16 2.13 -5.53
CA CYS A 38 12.10 1.03 -5.68
C CYS A 38 11.76 0.00 -4.61
N GLY A 39 11.96 -1.29 -4.88
CA GLY A 39 11.95 -2.34 -3.87
C GLY A 39 10.74 -2.36 -2.93
N GLY A 40 9.56 -1.99 -3.39
CA GLY A 40 8.35 -2.02 -2.60
C GLY A 40 7.78 -3.44 -2.49
N ASN A 41 6.46 -3.54 -2.32
CA ASN A 41 5.71 -4.78 -2.39
C ASN A 41 4.47 -4.59 -3.26
N ALA A 42 3.53 -5.55 -3.21
CA ALA A 42 2.30 -5.52 -3.99
C ALA A 42 1.17 -4.75 -3.30
N ASN A 43 1.29 -4.49 -2.00
CA ASN A 43 0.28 -3.78 -1.22
C ASN A 43 0.39 -2.29 -1.50
N ARG A 44 0.09 -1.87 -2.74
CA ARG A 44 0.38 -0.51 -3.17
C ARG A 44 -0.55 -0.15 -4.33
N PHE A 45 -1.21 1.01 -4.20
CA PHE A 45 -2.37 1.41 -4.99
C PHE A 45 -2.28 2.89 -5.26
N LYS A 46 -2.65 3.32 -6.47
CA LYS A 46 -2.69 4.73 -6.82
C LYS A 46 -3.93 5.44 -6.23
N THR A 47 -4.94 4.68 -5.77
CA THR A 47 -6.10 5.27 -5.11
C THR A 47 -6.53 4.47 -3.89
N ILE A 48 -7.15 5.17 -2.93
CA ILE A 48 -7.82 4.54 -1.81
C ILE A 48 -8.85 3.55 -2.30
N GLU A 49 -9.57 3.86 -3.38
CA GLU A 49 -10.66 3.03 -3.85
C GLU A 49 -10.13 1.72 -4.44
N GLU A 50 -8.99 1.79 -5.14
CA GLU A 50 -8.37 0.57 -5.64
C GLU A 50 -7.99 -0.33 -4.45
N CYS A 51 -7.32 0.26 -3.47
CA CYS A 51 -6.97 -0.46 -2.24
C CYS A 51 -8.21 -1.07 -1.60
N ARG A 52 -9.19 -0.21 -1.31
CA ARG A 52 -10.44 -0.58 -0.67
C ARG A 52 -11.05 -1.73 -1.43
N ARG A 53 -11.20 -1.62 -2.74
CA ARG A 53 -11.91 -2.60 -3.55
C ARG A 53 -11.10 -3.88 -3.73
N THR A 54 -9.77 -3.83 -3.60
CA THR A 54 -8.95 -5.03 -3.60
C THR A 54 -9.17 -5.83 -2.32
N CYS A 55 -9.08 -5.18 -1.15
CA CYS A 55 -9.03 -5.92 0.12
C CYS A 55 -10.37 -5.99 0.83
N VAL A 56 -11.07 -4.86 0.88
CA VAL A 56 -12.42 -4.70 1.39
C VAL A 56 -13.40 -4.92 0.21
N GLY A 57 -14.70 -4.90 0.49
CA GLY A 57 -15.72 -5.16 -0.51
C GLY A 57 -16.05 -6.65 -0.51
N ALA A 1 -9.69 -9.43 -1.14
CA ALA A 1 -8.64 -9.70 -0.15
C ALA A 1 -7.54 -10.51 -0.83
N ALA A 2 -6.27 -10.23 -0.50
CA ALA A 2 -5.10 -10.82 -1.18
C ALA A 2 -3.98 -11.04 -0.17
N LYS A 3 -3.08 -12.00 -0.43
CA LYS A 3 -1.99 -12.31 0.49
C LYS A 3 -1.19 -11.04 0.80
N TYR A 4 -0.86 -10.28 -0.25
CA TYR A 4 -0.10 -9.05 -0.12
C TYR A 4 -0.80 -8.00 0.75
N CYS A 5 -2.12 -8.09 0.90
CA CYS A 5 -2.86 -7.17 1.76
C CYS A 5 -2.34 -7.23 3.20
N LYS A 6 -1.74 -8.36 3.58
CA LYS A 6 -1.07 -8.53 4.87
C LYS A 6 0.27 -7.80 4.98
N LEU A 7 0.88 -7.34 3.88
CA LEU A 7 2.18 -6.69 3.92
C LEU A 7 2.06 -5.27 4.48
N PRO A 8 3.02 -4.80 5.30
CA PRO A 8 2.95 -3.52 5.97
C PRO A 8 3.32 -2.36 5.04
N LEU A 9 3.46 -1.16 5.63
CA LEU A 9 3.84 0.08 4.97
C LEU A 9 5.23 -0.07 4.33
N ARG A 10 5.24 -0.41 3.05
CA ARG A 10 6.45 -0.65 2.31
C ARG A 10 6.79 0.57 1.46
N ILE A 11 7.43 1.57 2.07
CA ILE A 11 7.95 2.72 1.34
C ILE A 11 9.08 2.26 0.41
N GLY A 12 10.01 1.46 0.95
CA GLY A 12 11.14 0.91 0.23
C GLY A 12 12.39 1.73 0.52
N PRO A 13 13.59 1.16 0.25
CA PRO A 13 14.84 1.80 0.57
C PRO A 13 15.22 2.88 -0.46
N CYS A 14 14.44 3.09 -1.55
CA CYS A 14 14.84 4.14 -2.48
C CYS A 14 14.36 5.49 -1.97
N LYS A 15 14.95 6.56 -2.50
CA LYS A 15 14.93 7.86 -1.82
C LYS A 15 13.98 8.81 -2.56
N ARG A 16 12.95 8.20 -3.13
CA ARG A 16 11.88 8.84 -3.85
C ARG A 16 10.76 9.14 -2.84
N LYS A 17 9.76 9.87 -3.32
CA LYS A 17 8.56 10.24 -2.59
C LYS A 17 7.45 10.32 -3.64
N ILE A 18 6.58 9.31 -3.69
CA ILE A 18 5.49 9.20 -4.65
C ILE A 18 4.19 8.91 -3.88
N PRO A 19 3.25 9.86 -3.79
CA PRO A 19 2.04 9.67 -3.00
C PRO A 19 1.25 8.47 -3.53
N SER A 20 1.00 7.49 -2.67
CA SER A 20 0.26 6.27 -2.99
C SER A 20 -0.60 5.87 -1.79
N PHE A 21 -1.32 4.77 -1.93
CA PHE A 21 -2.17 4.17 -0.91
C PHE A 21 -1.83 2.69 -0.80
N TYR A 22 -1.91 2.11 0.40
CA TYR A 22 -1.64 0.71 0.66
C TYR A 22 -2.58 0.27 1.77
N TYR A 23 -2.69 -1.04 2.00
CA TYR A 23 -3.51 -1.58 3.08
C TYR A 23 -2.63 -1.91 4.28
N LYS A 24 -2.84 -1.25 5.42
CA LYS A 24 -2.17 -1.64 6.65
C LYS A 24 -3.00 -2.74 7.30
N TRP A 25 -2.43 -3.94 7.43
CA TRP A 25 -3.10 -5.08 8.06
C TRP A 25 -3.10 -4.94 9.58
N LYS A 26 -2.03 -4.32 10.12
CA LYS A 26 -1.93 -4.03 11.54
C LYS A 26 -3.08 -3.13 12.00
N ALA A 27 -3.60 -2.29 11.09
CA ALA A 27 -4.75 -1.42 11.33
C ALA A 27 -6.04 -2.02 10.72
N LYS A 28 -5.90 -2.86 9.69
CA LYS A 28 -6.96 -3.39 8.85
C LYS A 28 -7.72 -2.25 8.15
N GLN A 29 -6.99 -1.43 7.37
CA GLN A 29 -7.61 -0.38 6.56
C GLN A 29 -6.63 0.13 5.50
N CYS A 30 -7.18 0.77 4.45
CA CYS A 30 -6.41 1.46 3.41
C CYS A 30 -5.95 2.81 3.91
N LEU A 31 -4.68 3.15 3.71
CA LEU A 31 -4.05 4.34 4.27
C LEU A 31 -3.14 4.98 3.20
N PRO A 32 -3.01 6.31 3.19
CA PRO A 32 -2.08 7.03 2.31
C PRO A 32 -0.63 6.87 2.78
N PHE A 33 0.33 7.10 1.88
CA PHE A 33 1.76 7.18 2.18
C PHE A 33 2.51 7.76 0.98
N ASP A 34 3.83 7.94 1.10
CA ASP A 34 4.72 8.23 0.00
C ASP A 34 5.55 6.99 -0.26
N TYR A 35 5.38 6.35 -1.42
CA TYR A 35 6.21 5.24 -1.84
C TYR A 35 7.55 5.78 -2.37
N SER A 36 8.56 4.91 -2.42
CA SER A 36 9.78 5.22 -3.15
C SER A 36 9.58 4.93 -4.64
N GLY A 37 9.62 3.65 -5.00
CA GLY A 37 9.77 3.21 -6.38
C GLY A 37 10.36 1.81 -6.40
N CYS A 38 11.42 1.62 -5.61
CA CYS A 38 12.24 0.42 -5.61
C CYS A 38 11.90 -0.41 -4.38
N GLY A 39 12.15 -1.71 -4.42
CA GLY A 39 12.01 -2.58 -3.26
C GLY A 39 10.58 -2.76 -2.77
N GLY A 40 9.59 -2.02 -3.31
CA GLY A 40 8.20 -2.11 -2.92
C GLY A 40 7.65 -3.52 -3.09
N ASN A 41 6.50 -3.75 -2.49
CA ASN A 41 5.84 -5.05 -2.42
C ASN A 41 4.64 -5.04 -3.39
N ALA A 42 3.63 -5.89 -3.18
CA ALA A 42 2.43 -5.87 -4.04
C ALA A 42 1.24 -5.14 -3.38
N ASN A 43 1.51 -4.34 -2.34
CA ASN A 43 0.52 -3.52 -1.64
C ASN A 43 0.81 -2.06 -2.03
N ARG A 44 0.49 -1.67 -3.28
CA ARG A 44 0.42 -0.27 -3.70
C ARG A 44 -0.86 -0.06 -4.50
N PHE A 45 -1.45 1.12 -4.36
CA PHE A 45 -2.62 1.59 -5.08
C PHE A 45 -2.42 3.08 -5.33
N LYS A 46 -2.88 3.57 -6.48
CA LYS A 46 -2.85 4.99 -6.76
C LYS A 46 -3.94 5.68 -5.93
N THR A 47 -5.01 4.96 -5.60
CA THR A 47 -6.20 5.53 -4.97
C THR A 47 -6.57 4.72 -3.73
N ILE A 48 -7.34 5.35 -2.86
CA ILE A 48 -7.99 4.66 -1.76
C ILE A 48 -9.00 3.65 -2.30
N GLU A 49 -9.70 3.96 -3.40
CA GLU A 49 -10.73 3.06 -3.91
C GLU A 49 -10.11 1.78 -4.46
N GLU A 50 -8.96 1.88 -5.13
CA GLU A 50 -8.31 0.74 -5.73
C GLU A 50 -7.81 -0.17 -4.60
N CYS A 51 -7.33 0.42 -3.50
CA CYS A 51 -7.03 -0.36 -2.31
C CYS A 51 -8.29 -0.99 -1.71
N ARG A 52 -9.28 -0.15 -1.39
CA ARG A 52 -10.50 -0.59 -0.73
C ARG A 52 -11.14 -1.72 -1.51
N ARG A 53 -11.29 -1.60 -2.82
CA ARG A 53 -11.97 -2.60 -3.64
C ARG A 53 -11.19 -3.92 -3.67
N THR A 54 -9.85 -3.86 -3.54
CA THR A 54 -9.05 -5.06 -3.52
C THR A 54 -9.29 -5.80 -2.20
N CYS A 55 -9.10 -5.14 -1.06
CA CYS A 55 -9.11 -5.85 0.21
C CYS A 55 -10.51 -5.97 0.79
N VAL A 56 -11.27 -4.87 0.76
CA VAL A 56 -12.66 -4.71 1.18
C VAL A 56 -13.54 -4.87 -0.07
N GLY A 57 -14.86 -4.79 0.07
CA GLY A 57 -15.80 -4.90 -1.04
C GLY A 57 -15.94 -6.35 -1.49
N ALA A 1 -10.55 -9.05 -0.87
CA ALA A 1 -9.37 -9.52 -0.12
C ALA A 1 -8.38 -10.30 -0.98
N ALA A 2 -7.10 -10.19 -0.61
CA ALA A 2 -5.95 -10.75 -1.28
C ALA A 2 -4.89 -11.09 -0.25
N LYS A 3 -3.92 -11.93 -0.64
CA LYS A 3 -2.85 -12.38 0.25
C LYS A 3 -1.93 -11.21 0.58
N TYR A 4 -1.44 -10.55 -0.48
CA TYR A 4 -0.48 -9.48 -0.34
C TYR A 4 -1.00 -8.30 0.48
N CYS A 5 -2.33 -8.18 0.61
CA CYS A 5 -2.97 -7.17 1.46
C CYS A 5 -2.38 -7.14 2.88
N LYS A 6 -1.85 -8.29 3.32
CA LYS A 6 -1.25 -8.45 4.64
C LYS A 6 0.15 -7.86 4.77
N LEU A 7 0.85 -7.56 3.68
CA LEU A 7 2.21 -7.03 3.75
C LEU A 7 2.18 -5.64 4.41
N PRO A 8 3.20 -5.25 5.19
CA PRO A 8 3.17 -4.03 5.98
C PRO A 8 3.47 -2.79 5.11
N LEU A 9 3.51 -1.62 5.77
CA LEU A 9 4.01 -0.39 5.18
C LEU A 9 5.40 -0.65 4.60
N ARG A 10 5.57 -0.31 3.33
CA ARG A 10 6.70 -0.73 2.54
C ARG A 10 7.13 0.44 1.67
N ILE A 11 7.78 1.41 2.31
CA ILE A 11 8.21 2.64 1.66
C ILE A 11 9.28 2.31 0.62
N GLY A 12 10.17 1.35 0.93
CA GLY A 12 11.20 0.88 0.01
C GLY A 12 12.48 1.71 0.15
N PRO A 13 13.65 1.14 -0.19
CA PRO A 13 14.94 1.71 0.15
C PRO A 13 15.39 2.81 -0.83
N CYS A 14 14.51 3.27 -1.73
CA CYS A 14 14.87 4.22 -2.78
C CYS A 14 15.05 5.63 -2.19
N LYS A 15 15.18 6.65 -3.04
CA LYS A 15 15.36 8.05 -2.63
C LYS A 15 14.47 8.92 -3.53
N ARG A 16 13.16 8.68 -3.42
CA ARG A 16 12.08 9.44 -4.02
C ARG A 16 10.92 9.47 -3.02
N LYS A 17 9.82 10.14 -3.38
CA LYS A 17 8.60 10.24 -2.59
C LYS A 17 7.43 10.44 -3.55
N ILE A 18 6.73 9.35 -3.87
CA ILE A 18 5.60 9.27 -4.79
C ILE A 18 4.36 8.86 -3.97
N PRO A 19 3.28 9.65 -3.92
CA PRO A 19 2.10 9.31 -3.14
C PRO A 19 1.50 7.98 -3.63
N SER A 20 1.02 7.15 -2.70
CA SER A 20 0.28 5.93 -2.99
C SER A 20 -0.63 5.66 -1.78
N PHE A 21 -1.41 4.58 -1.84
CA PHE A 21 -2.17 4.05 -0.73
C PHE A 21 -1.74 2.60 -0.54
N TYR A 22 -1.79 2.10 0.70
CA TYR A 22 -1.56 0.71 1.04
C TYR A 22 -2.63 0.29 2.04
N TYR A 23 -2.73 -1.01 2.30
CA TYR A 23 -3.60 -1.53 3.33
C TYR A 23 -2.78 -1.82 4.57
N LYS A 24 -2.90 -0.99 5.62
CA LYS A 24 -2.15 -1.19 6.84
C LYS A 24 -2.78 -2.37 7.59
N TRP A 25 -2.32 -3.60 7.34
CA TRP A 25 -2.94 -4.79 7.92
C TRP A 25 -2.91 -4.76 9.44
N LYS A 26 -1.86 -4.18 10.03
CA LYS A 26 -1.74 -4.03 11.47
C LYS A 26 -2.75 -3.03 12.06
N ALA A 27 -3.51 -2.33 11.20
CA ALA A 27 -4.72 -1.57 11.56
C ALA A 27 -5.99 -2.19 10.94
N LYS A 28 -5.84 -2.90 9.81
CA LYS A 28 -6.89 -3.38 8.93
C LYS A 28 -7.66 -2.23 8.27
N GLN A 29 -6.97 -1.38 7.50
CA GLN A 29 -7.60 -0.29 6.75
C GLN A 29 -6.70 0.22 5.61
N CYS A 30 -7.30 0.77 4.55
CA CYS A 30 -6.58 1.41 3.45
C CYS A 30 -6.19 2.83 3.86
N LEU A 31 -4.93 3.24 3.61
CA LEU A 31 -4.38 4.51 4.06
C LEU A 31 -3.42 5.06 3.00
N PRO A 32 -3.26 6.38 2.88
CA PRO A 32 -2.27 7.02 2.02
C PRO A 32 -0.86 6.89 2.60
N PHE A 33 0.18 7.08 1.76
CA PHE A 33 1.57 7.25 2.16
C PHE A 33 2.39 7.76 0.95
N ASP A 34 3.71 7.98 1.12
CA ASP A 34 4.63 8.33 0.02
C ASP A 34 5.51 7.10 -0.17
N TYR A 35 5.32 6.37 -1.26
CA TYR A 35 6.19 5.28 -1.64
C TYR A 35 7.50 5.84 -2.18
N SER A 36 8.63 5.14 -2.01
CA SER A 36 9.89 5.65 -2.52
C SER A 36 9.92 5.58 -4.05
N GLY A 37 10.18 4.38 -4.59
CA GLY A 37 10.33 4.18 -6.03
C GLY A 37 10.73 2.74 -6.38
N CYS A 38 11.48 2.07 -5.50
CA CYS A 38 11.99 0.72 -5.70
C CYS A 38 11.90 -0.07 -4.39
N GLY A 39 12.12 -1.39 -4.44
CA GLY A 39 12.01 -2.31 -3.31
C GLY A 39 10.73 -2.17 -2.47
N GLY A 40 9.60 -2.00 -3.17
CA GLY A 40 8.26 -1.98 -2.58
C GLY A 40 7.71 -3.40 -2.47
N ASN A 41 6.38 -3.52 -2.36
CA ASN A 41 5.65 -4.78 -2.39
C ASN A 41 4.38 -4.62 -3.25
N ALA A 42 3.48 -5.61 -3.18
CA ALA A 42 2.23 -5.62 -3.93
C ALA A 42 1.11 -4.83 -3.22
N ASN A 43 1.27 -4.52 -1.92
CA ASN A 43 0.25 -3.81 -1.15
C ASN A 43 0.38 -2.31 -1.42
N ARG A 44 0.15 -1.89 -2.66
CA ARG A 44 0.41 -0.52 -3.09
C ARG A 44 -0.49 -0.17 -4.26
N PHE A 45 -1.29 0.88 -4.07
CA PHE A 45 -2.41 1.26 -4.92
C PHE A 45 -2.28 2.75 -5.20
N LYS A 46 -2.54 3.17 -6.44
CA LYS A 46 -2.56 4.58 -6.77
C LYS A 46 -3.73 5.29 -6.09
N THR A 47 -4.80 4.56 -5.74
CA THR A 47 -6.00 5.16 -5.18
C THR A 47 -6.48 4.39 -3.96
N ILE A 48 -7.13 5.10 -3.03
CA ILE A 48 -7.87 4.48 -1.93
C ILE A 48 -8.91 3.52 -2.48
N GLU A 49 -9.57 3.88 -3.59
CA GLU A 49 -10.67 3.09 -4.09
C GLU A 49 -10.14 1.78 -4.64
N GLU A 50 -8.98 1.77 -5.29
CA GLU A 50 -8.39 0.52 -5.74
C GLU A 50 -8.09 -0.38 -4.53
N CYS A 51 -7.42 0.17 -3.50
CA CYS A 51 -7.16 -0.57 -2.26
C CYS A 51 -8.47 -1.12 -1.69
N ARG A 52 -9.45 -0.23 -1.51
CA ARG A 52 -10.75 -0.58 -0.96
C ARG A 52 -11.42 -1.69 -1.78
N ARG A 53 -11.38 -1.57 -3.11
CA ARG A 53 -11.98 -2.55 -4.01
C ARG A 53 -11.28 -3.90 -3.86
N THR A 54 -9.95 -3.88 -3.73
CA THR A 54 -9.16 -5.09 -3.71
C THR A 54 -9.35 -5.85 -2.39
N CYS A 55 -9.20 -5.15 -1.25
CA CYS A 55 -9.07 -5.82 0.04
C CYS A 55 -10.38 -5.89 0.81
N VAL A 56 -11.01 -4.73 1.02
CA VAL A 56 -12.39 -4.62 1.49
C VAL A 56 -13.34 -5.00 0.33
N GLY A 57 -14.65 -5.05 0.60
CA GLY A 57 -15.64 -5.60 -0.30
C GLY A 57 -16.48 -6.58 0.54
N ALA A 1 -9.52 -11.04 1.13
CA ALA A 1 -9.03 -9.65 1.23
C ALA A 1 -7.62 -9.48 0.66
N ALA A 2 -7.31 -10.19 -0.44
CA ALA A 2 -5.98 -10.33 -1.04
C ALA A 2 -4.90 -10.84 -0.07
N LYS A 3 -4.07 -11.79 -0.49
CA LYS A 3 -3.08 -12.38 0.41
C LYS A 3 -2.03 -11.33 0.79
N TYR A 4 -1.42 -10.75 -0.24
CA TYR A 4 -0.38 -9.74 -0.11
C TYR A 4 -0.81 -8.53 0.70
N CYS A 5 -2.11 -8.35 0.91
CA CYS A 5 -2.65 -7.29 1.76
C CYS A 5 -2.11 -7.34 3.19
N LYS A 6 -1.58 -8.50 3.61
CA LYS A 6 -0.88 -8.64 4.88
C LYS A 6 0.44 -7.85 4.94
N LEU A 7 1.05 -7.51 3.80
CA LEU A 7 2.36 -6.86 3.78
C LEU A 7 2.29 -5.49 4.46
N PRO A 8 3.32 -5.11 5.24
CA PRO A 8 3.33 -3.88 6.03
C PRO A 8 3.70 -2.64 5.21
N LEU A 9 3.97 -1.53 5.90
CA LEU A 9 4.29 -0.24 5.30
C LEU A 9 5.61 -0.28 4.55
N ARG A 10 5.56 -0.75 3.31
CA ARG A 10 6.75 -0.99 2.51
C ARG A 10 7.12 0.26 1.72
N ILE A 11 7.77 1.20 2.39
CA ILE A 11 8.21 2.44 1.75
C ILE A 11 9.22 2.15 0.65
N GLY A 12 10.18 1.27 0.93
CA GLY A 12 11.12 0.75 -0.05
C GLY A 12 12.43 1.58 -0.07
N PRO A 13 13.58 0.94 -0.33
CA PRO A 13 14.90 1.53 -0.19
C PRO A 13 15.27 2.37 -1.41
N CYS A 14 14.37 3.25 -1.85
CA CYS A 14 14.67 4.31 -2.80
C CYS A 14 14.71 5.66 -2.07
N LYS A 15 15.16 6.70 -2.76
CA LYS A 15 15.36 8.03 -2.21
C LYS A 15 14.45 9.04 -2.91
N ARG A 16 13.19 8.66 -3.10
CA ARG A 16 12.16 9.40 -3.81
C ARG A 16 10.90 9.43 -2.95
N LYS A 17 9.86 10.15 -3.40
CA LYS A 17 8.64 10.43 -2.65
C LYS A 17 7.46 10.42 -3.63
N ILE A 18 6.76 9.30 -3.75
CA ILE A 18 5.66 9.10 -4.69
C ILE A 18 4.39 8.74 -3.88
N PRO A 19 3.36 9.60 -3.88
CA PRO A 19 2.16 9.33 -3.11
C PRO A 19 1.48 8.06 -3.64
N SER A 20 1.12 7.15 -2.73
CA SER A 20 0.36 5.94 -3.01
C SER A 20 -0.60 5.71 -1.84
N PHE A 21 -1.37 4.63 -1.91
CA PHE A 21 -2.18 4.10 -0.82
C PHE A 21 -1.75 2.65 -0.63
N TYR A 22 -1.82 2.15 0.61
CA TYR A 22 -1.58 0.76 0.94
C TYR A 22 -2.58 0.35 2.01
N TYR A 23 -2.66 -0.95 2.29
CA TYR A 23 -3.53 -1.45 3.35
C TYR A 23 -2.68 -1.75 4.58
N LYS A 24 -2.79 -0.97 5.65
CA LYS A 24 -2.09 -1.31 6.88
C LYS A 24 -2.81 -2.49 7.51
N TRP A 25 -2.34 -3.72 7.29
CA TRP A 25 -2.93 -4.91 7.91
C TRP A 25 -3.04 -4.75 9.43
N LYS A 26 -2.06 -4.07 10.03
CA LYS A 26 -1.99 -3.80 11.47
C LYS A 26 -3.18 -2.93 11.95
N ALA A 27 -3.85 -2.21 11.04
CA ALA A 27 -5.06 -1.43 11.32
C ALA A 27 -6.28 -2.03 10.61
N LYS A 28 -6.06 -2.83 9.57
CA LYS A 28 -7.05 -3.43 8.69
C LYS A 28 -7.80 -2.39 7.85
N GLN A 29 -7.09 -1.36 7.37
CA GLN A 29 -7.69 -0.31 6.53
C GLN A 29 -6.67 0.23 5.52
N CYS A 30 -7.19 0.75 4.40
CA CYS A 30 -6.44 1.41 3.34
C CYS A 30 -6.12 2.84 3.73
N LEU A 31 -4.87 3.27 3.55
CA LEU A 31 -4.37 4.55 4.05
C LEU A 31 -3.44 5.13 2.98
N PRO A 32 -3.39 6.46 2.84
CA PRO A 32 -2.42 7.13 1.99
C PRO A 32 -1.04 6.99 2.60
N PHE A 33 0.01 7.10 1.78
CA PHE A 33 1.38 7.24 2.25
C PHE A 33 2.26 7.66 1.05
N ASP A 34 3.57 7.79 1.23
CA ASP A 34 4.51 8.05 0.15
C ASP A 34 5.37 6.80 -0.01
N TYR A 35 5.26 6.15 -1.16
CA TYR A 35 6.17 5.10 -1.58
C TYR A 35 7.46 5.75 -2.06
N SER A 36 8.58 5.05 -1.97
CA SER A 36 9.84 5.60 -2.42
C SER A 36 9.84 5.63 -3.94
N GLY A 37 9.89 4.45 -4.54
CA GLY A 37 9.94 4.24 -5.98
C GLY A 37 10.32 2.80 -6.31
N CYS A 38 11.28 2.25 -5.58
CA CYS A 38 11.83 0.92 -5.79
C CYS A 38 11.77 0.11 -4.49
N GLY A 39 11.65 -1.22 -4.65
CA GLY A 39 11.53 -2.18 -3.56
C GLY A 39 10.27 -1.99 -2.73
N GLY A 40 9.16 -1.64 -3.38
CA GLY A 40 7.83 -1.74 -2.81
C GLY A 40 7.38 -3.19 -2.72
N ASN A 41 6.07 -3.40 -2.76
CA ASN A 41 5.44 -4.72 -2.77
C ASN A 41 4.12 -4.61 -3.54
N ALA A 42 3.29 -5.65 -3.42
CA ALA A 42 1.98 -5.69 -4.07
C ALA A 42 0.94 -4.83 -3.32
N ASN A 43 1.16 -4.55 -2.03
CA ASN A 43 0.24 -3.78 -1.22
C ASN A 43 0.46 -2.30 -1.49
N ARG A 44 0.19 -1.85 -2.72
CA ARG A 44 0.45 -0.48 -3.11
C ARG A 44 -0.41 -0.14 -4.32
N PHE A 45 -1.16 0.96 -4.21
CA PHE A 45 -2.21 1.36 -5.13
C PHE A 45 -2.10 2.86 -5.34
N LYS A 46 -2.35 3.37 -6.55
CA LYS A 46 -2.35 4.79 -6.80
C LYS A 46 -3.57 5.46 -6.16
N THR A 47 -4.61 4.68 -5.81
CA THR A 47 -5.85 5.23 -5.30
C THR A 47 -6.35 4.41 -4.11
N ILE A 48 -7.02 5.08 -3.15
CA ILE A 48 -7.60 4.42 -2.00
C ILE A 48 -8.67 3.47 -2.49
N GLU A 49 -9.43 3.87 -3.50
CA GLU A 49 -10.51 3.06 -3.98
C GLU A 49 -9.99 1.74 -4.56
N GLU A 50 -8.88 1.74 -5.29
CA GLU A 50 -8.28 0.48 -5.74
C GLU A 50 -7.93 -0.40 -4.53
N CYS A 51 -7.20 0.16 -3.56
CA CYS A 51 -6.83 -0.57 -2.35
C CYS A 51 -8.06 -1.17 -1.69
N ARG A 52 -9.05 -0.31 -1.42
CA ARG A 52 -10.21 -0.71 -0.67
C ARG A 52 -10.99 -1.76 -1.45
N ARG A 53 -11.14 -1.56 -2.76
CA ARG A 53 -11.88 -2.48 -3.63
C ARG A 53 -11.19 -3.83 -3.71
N THR A 54 -9.86 -3.87 -3.57
CA THR A 54 -9.10 -5.11 -3.60
C THR A 54 -9.26 -5.88 -2.29
N CYS A 55 -9.03 -5.24 -1.14
CA CYS A 55 -8.94 -5.97 0.13
C CYS A 55 -10.29 -6.05 0.86
N VAL A 56 -11.07 -5.00 0.76
CA VAL A 56 -12.35 -4.73 1.41
C VAL A 56 -13.42 -4.78 0.29
N GLY A 57 -14.62 -4.25 0.53
CA GLY A 57 -15.38 -3.63 -0.55
C GLY A 57 -15.25 -2.09 -0.51
N ALA A 1 -9.88 -9.07 -0.50
CA ALA A 1 -8.63 -9.44 0.19
C ALA A 1 -7.70 -10.22 -0.74
N ALA A 2 -6.39 -10.05 -0.57
CA ALA A 2 -5.33 -10.75 -1.28
C ALA A 2 -4.17 -10.93 -0.31
N LYS A 3 -3.31 -11.95 -0.52
CA LYS A 3 -2.26 -12.30 0.44
C LYS A 3 -1.40 -11.08 0.74
N TYR A 4 -0.96 -10.41 -0.34
CA TYR A 4 -0.09 -9.27 -0.24
C TYR A 4 -0.67 -8.15 0.62
N CYS A 5 -1.99 -8.12 0.80
CA CYS A 5 -2.61 -7.08 1.61
C CYS A 5 -2.10 -7.10 3.05
N LYS A 6 -1.55 -8.24 3.49
CA LYS A 6 -0.90 -8.40 4.78
C LYS A 6 0.49 -7.75 4.85
N LEU A 7 1.13 -7.45 3.72
CA LEU A 7 2.43 -6.81 3.72
C LEU A 7 2.31 -5.43 4.38
N PRO A 8 3.27 -5.03 5.24
CA PRO A 8 3.16 -3.84 6.05
C PRO A 8 3.40 -2.57 5.22
N LEU A 9 3.44 -1.42 5.90
CA LEU A 9 3.93 -0.18 5.31
C LEU A 9 5.32 -0.44 4.76
N ARG A 10 5.50 -0.21 3.46
CA ARG A 10 6.69 -0.59 2.74
C ARG A 10 7.09 0.53 1.81
N ILE A 11 7.69 1.57 2.39
CA ILE A 11 8.21 2.71 1.66
C ILE A 11 9.22 2.21 0.62
N GLY A 12 10.07 1.26 1.01
CA GLY A 12 11.05 0.63 0.14
C GLY A 12 12.38 1.39 0.21
N PRO A 13 13.45 0.80 -0.33
CA PRO A 13 14.82 1.22 -0.05
C PRO A 13 15.25 2.52 -0.73
N CYS A 14 14.54 2.99 -1.77
CA CYS A 14 14.99 4.15 -2.53
C CYS A 14 14.70 5.44 -1.75
N LYS A 15 15.26 6.56 -2.22
CA LYS A 15 15.24 7.82 -1.48
C LYS A 15 14.14 8.79 -1.96
N ARG A 16 13.34 8.42 -2.97
CA ARG A 16 12.30 9.29 -3.49
C ARG A 16 11.04 9.18 -2.63
N LYS A 17 9.97 9.88 -3.04
CA LYS A 17 8.69 9.92 -2.36
C LYS A 17 7.62 10.11 -3.44
N ILE A 18 6.74 9.12 -3.61
CA ILE A 18 5.68 9.09 -4.61
C ILE A 18 4.37 8.75 -3.89
N PRO A 19 3.38 9.66 -3.84
CA PRO A 19 2.17 9.42 -3.08
C PRO A 19 1.40 8.21 -3.65
N SER A 20 1.11 7.22 -2.81
CA SER A 20 0.26 6.07 -3.13
C SER A 20 -0.61 5.75 -1.91
N PHE A 21 -1.45 4.72 -2.04
CA PHE A 21 -2.22 4.14 -0.95
C PHE A 21 -1.74 2.70 -0.74
N TYR A 22 -1.71 2.24 0.51
CA TYR A 22 -1.44 0.86 0.86
C TYR A 22 -2.50 0.43 1.88
N TYR A 23 -2.60 -0.88 2.11
CA TYR A 23 -3.45 -1.41 3.16
C TYR A 23 -2.60 -1.62 4.42
N LYS A 24 -2.84 -0.86 5.48
CA LYS A 24 -2.08 -1.03 6.71
C LYS A 24 -2.67 -2.25 7.43
N TRP A 25 -2.10 -3.43 7.22
CA TRP A 25 -2.61 -4.66 7.84
C TRP A 25 -2.65 -4.53 9.36
N LYS A 26 -1.69 -3.81 9.95
CA LYS A 26 -1.70 -3.53 11.39
C LYS A 26 -3.03 -2.86 11.83
N ALA A 27 -3.67 -2.09 10.94
CA ALA A 27 -4.93 -1.38 11.18
C ALA A 27 -6.07 -1.88 10.28
N LYS A 28 -5.83 -2.93 9.48
CA LYS A 28 -6.74 -3.54 8.51
C LYS A 28 -7.57 -2.53 7.72
N GLN A 29 -6.92 -1.56 7.06
CA GLN A 29 -7.61 -0.55 6.26
C GLN A 29 -6.68 0.13 5.25
N CYS A 30 -7.26 0.84 4.27
CA CYS A 30 -6.50 1.47 3.19
C CYS A 30 -6.18 2.93 3.55
N LEU A 31 -4.93 3.34 3.35
CA LEU A 31 -4.37 4.58 3.88
C LEU A 31 -3.36 5.12 2.87
N PRO A 32 -3.19 6.45 2.78
CA PRO A 32 -2.17 7.07 1.94
C PRO A 32 -0.78 6.89 2.55
N PHE A 33 0.26 7.02 1.72
CA PHE A 33 1.66 7.11 2.15
C PHE A 33 2.50 7.60 0.96
N ASP A 34 3.79 7.84 1.17
CA ASP A 34 4.74 8.12 0.11
C ASP A 34 5.58 6.87 -0.08
N TYR A 35 5.62 6.34 -1.31
CA TYR A 35 6.39 5.19 -1.70
C TYR A 35 7.73 5.64 -2.28
N SER A 36 8.78 4.84 -2.14
CA SER A 36 10.13 5.21 -2.58
C SER A 36 10.29 5.10 -4.10
N GLY A 37 9.36 4.42 -4.76
CA GLY A 37 9.45 4.14 -6.17
C GLY A 37 10.47 3.05 -6.47
N CYS A 38 10.80 2.18 -5.51
CA CYS A 38 11.62 0.99 -5.71
C CYS A 38 11.28 -0.04 -4.63
N GLY A 39 11.37 -1.33 -4.97
CA GLY A 39 11.27 -2.46 -4.06
C GLY A 39 9.82 -2.74 -3.70
N GLY A 40 9.27 -1.80 -2.95
CA GLY A 40 7.92 -1.80 -2.38
C GLY A 40 7.44 -3.19 -2.00
N ASN A 41 6.18 -3.46 -2.34
CA ASN A 41 5.53 -4.74 -2.34
C ASN A 41 4.32 -4.61 -3.27
N ALA A 42 3.44 -5.62 -3.31
CA ALA A 42 2.23 -5.55 -4.12
C ALA A 42 1.10 -4.78 -3.42
N ASN A 43 1.25 -4.47 -2.13
CA ASN A 43 0.26 -3.74 -1.34
C ASN A 43 0.35 -2.25 -1.62
N ARG A 44 0.11 -1.85 -2.87
CA ARG A 44 0.25 -0.46 -3.27
C ARG A 44 -0.68 -0.16 -4.43
N PHE A 45 -1.48 0.90 -4.27
CA PHE A 45 -2.58 1.26 -5.12
C PHE A 45 -2.50 2.77 -5.36
N LYS A 46 -2.79 3.20 -6.59
CA LYS A 46 -2.81 4.61 -6.94
C LYS A 46 -4.01 5.32 -6.29
N THR A 47 -5.01 4.57 -5.82
CA THR A 47 -6.15 5.17 -5.12
C THR A 47 -6.50 4.35 -3.88
N ILE A 48 -7.11 5.01 -2.90
CA ILE A 48 -7.76 4.35 -1.77
C ILE A 48 -8.80 3.39 -2.30
N GLU A 49 -9.59 3.82 -3.29
CA GLU A 49 -10.73 3.02 -3.70
C GLU A 49 -10.26 1.71 -4.34
N GLU A 50 -9.17 1.74 -5.11
CA GLU A 50 -8.62 0.51 -5.67
C GLU A 50 -8.18 -0.43 -4.54
N CYS A 51 -7.44 0.09 -3.57
CA CYS A 51 -7.05 -0.69 -2.40
C CYS A 51 -8.27 -1.28 -1.72
N ARG A 52 -9.22 -0.41 -1.39
CA ARG A 52 -10.35 -0.79 -0.60
C ARG A 52 -11.20 -1.81 -1.34
N ARG A 53 -11.42 -1.62 -2.64
CA ARG A 53 -12.27 -2.50 -3.42
C ARG A 53 -11.62 -3.88 -3.59
N THR A 54 -10.28 -3.90 -3.64
CA THR A 54 -9.53 -5.14 -3.73
C THR A 54 -9.56 -5.88 -2.38
N CYS A 55 -9.26 -5.18 -1.28
CA CYS A 55 -9.12 -5.83 0.02
C CYS A 55 -10.45 -5.94 0.77
N VAL A 56 -11.10 -4.80 0.99
CA VAL A 56 -12.38 -4.63 1.67
C VAL A 56 -13.50 -4.73 0.61
N GLY A 57 -14.74 -4.43 0.98
CA GLY A 57 -15.79 -4.08 0.05
C GLY A 57 -15.65 -2.60 -0.32
N ALA A 1 -9.17 -11.62 2.09
CA ALA A 1 -8.52 -10.46 1.44
C ALA A 1 -7.33 -11.00 0.66
N ALA A 2 -6.69 -10.19 -0.19
CA ALA A 2 -5.55 -10.63 -0.96
C ALA A 2 -4.37 -10.99 -0.03
N LYS A 3 -3.51 -11.92 -0.46
CA LYS A 3 -2.34 -12.31 0.33
C LYS A 3 -1.48 -11.09 0.65
N TYR A 4 -1.15 -10.31 -0.38
CA TYR A 4 -0.33 -9.12 -0.24
C TYR A 4 -0.96 -8.09 0.70
N CYS A 5 -2.27 -8.19 0.93
CA CYS A 5 -2.97 -7.29 1.83
C CYS A 5 -2.39 -7.35 3.24
N LYS A 6 -1.74 -8.47 3.58
CA LYS A 6 -1.03 -8.62 4.85
C LYS A 6 0.31 -7.89 4.91
N LEU A 7 0.86 -7.42 3.79
CA LEU A 7 2.20 -6.82 3.78
C LEU A 7 2.16 -5.45 4.46
N PRO A 8 3.12 -5.15 5.37
CA PRO A 8 3.15 -3.92 6.14
C PRO A 8 3.70 -2.74 5.31
N LEU A 9 3.91 -1.60 5.97
CA LEU A 9 4.34 -0.38 5.33
C LEU A 9 5.76 -0.51 4.77
N ARG A 10 5.83 -0.80 3.47
CA ARG A 10 7.06 -1.02 2.74
C ARG A 10 7.27 0.16 1.81
N ILE A 11 7.97 1.21 2.26
CA ILE A 11 8.29 2.38 1.45
C ILE A 11 9.42 2.07 0.47
N GLY A 12 10.37 1.25 0.91
CA GLY A 12 11.52 0.86 0.12
C GLY A 12 12.72 1.73 0.48
N PRO A 13 13.95 1.26 0.17
CA PRO A 13 15.17 1.97 0.53
C PRO A 13 15.49 3.10 -0.46
N CYS A 14 14.63 3.41 -1.46
CA CYS A 14 14.98 4.49 -2.37
C CYS A 14 14.55 5.83 -1.77
N LYS A 15 15.10 6.92 -2.32
CA LYS A 15 15.13 8.21 -1.65
C LYS A 15 14.20 9.13 -2.40
N ARG A 16 13.04 8.57 -2.71
CA ARG A 16 11.97 9.21 -3.43
C ARG A 16 10.73 9.28 -2.55
N LYS A 17 9.76 10.04 -3.05
CA LYS A 17 8.43 10.23 -2.54
C LYS A 17 7.55 10.24 -3.79
N ILE A 18 6.53 9.40 -3.80
CA ILE A 18 5.46 9.33 -4.78
C ILE A 18 4.17 9.01 -4.00
N PRO A 19 3.10 9.82 -4.04
CA PRO A 19 1.88 9.50 -3.29
C PRO A 19 1.33 8.14 -3.75
N SER A 20 0.94 7.26 -2.82
CA SER A 20 0.27 6.00 -3.11
C SER A 20 -0.60 5.61 -1.92
N PHE A 21 -1.37 4.54 -2.07
CA PHE A 21 -2.19 3.93 -1.04
C PHE A 21 -1.82 2.46 -0.91
N TYR A 22 -1.75 1.96 0.32
CA TYR A 22 -1.51 0.55 0.63
C TYR A 22 -2.47 0.15 1.74
N TYR A 23 -2.55 -1.15 2.02
CA TYR A 23 -3.34 -1.72 3.09
C TYR A 23 -2.47 -1.93 4.32
N LYS A 24 -2.65 -1.15 5.39
CA LYS A 24 -1.90 -1.39 6.62
C LYS A 24 -2.61 -2.51 7.38
N TRP A 25 -2.18 -3.77 7.19
CA TRP A 25 -2.78 -4.90 7.90
C TRP A 25 -2.76 -4.72 9.42
N LYS A 26 -1.73 -4.03 9.93
CA LYS A 26 -1.62 -3.68 11.35
C LYS A 26 -2.87 -2.92 11.84
N ALA A 27 -3.54 -2.18 10.94
CA ALA A 27 -4.79 -1.49 11.17
C ALA A 27 -5.98 -2.15 10.45
N LYS A 28 -5.70 -3.03 9.48
CA LYS A 28 -6.62 -3.58 8.51
C LYS A 28 -7.43 -2.49 7.77
N GLN A 29 -6.76 -1.55 7.11
CA GLN A 29 -7.45 -0.55 6.29
C GLN A 29 -6.49 0.04 5.25
N CYS A 30 -7.07 0.65 4.20
CA CYS A 30 -6.32 1.30 3.13
C CYS A 30 -5.98 2.73 3.53
N LEU A 31 -4.72 3.13 3.33
CA LEU A 31 -4.15 4.33 3.93
C LEU A 31 -3.21 5.03 2.95
N PRO A 32 -3.20 6.37 2.88
CA PRO A 32 -2.27 7.14 2.06
C PRO A 32 -0.85 7.06 2.62
N PHE A 33 0.14 7.18 1.73
CA PHE A 33 1.55 7.34 2.10
C PHE A 33 2.35 7.77 0.86
N ASP A 34 3.67 7.97 1.02
CA ASP A 34 4.59 8.32 -0.05
C ASP A 34 5.51 7.12 -0.34
N TYR A 35 5.35 6.46 -1.48
CA TYR A 35 6.24 5.41 -1.93
C TYR A 35 7.55 5.99 -2.44
N SER A 36 8.61 5.18 -2.43
CA SER A 36 9.85 5.51 -3.09
C SER A 36 9.70 5.29 -4.60
N GLY A 37 9.41 4.04 -4.97
CA GLY A 37 9.50 3.54 -6.33
C GLY A 37 10.27 2.21 -6.39
N CYS A 38 11.01 1.87 -5.33
CA CYS A 38 11.90 0.72 -5.27
C CYS A 38 11.51 -0.17 -4.10
N GLY A 39 12.10 -1.36 -4.00
CA GLY A 39 11.97 -2.31 -2.90
C GLY A 39 10.60 -2.29 -2.20
N GLY A 40 9.53 -2.29 -2.99
CA GLY A 40 8.18 -2.23 -2.47
C GLY A 40 7.66 -3.65 -2.27
N ASN A 41 6.39 -3.84 -2.60
CA ASN A 41 5.70 -5.12 -2.61
C ASN A 41 4.42 -4.93 -3.43
N ALA A 42 3.53 -5.93 -3.42
CA ALA A 42 2.28 -5.87 -4.18
C ALA A 42 1.14 -5.17 -3.40
N ASN A 43 1.48 -4.42 -2.36
CA ASN A 43 0.50 -3.68 -1.57
C ASN A 43 0.63 -2.21 -1.97
N ARG A 44 0.16 -1.86 -3.17
CA ARG A 44 0.26 -0.48 -3.66
C ARG A 44 -0.79 -0.18 -4.72
N PHE A 45 -1.47 0.95 -4.56
CA PHE A 45 -2.60 1.40 -5.34
C PHE A 45 -2.44 2.90 -5.54
N LYS A 46 -2.75 3.39 -6.74
CA LYS A 46 -2.73 4.82 -7.02
C LYS A 46 -3.87 5.53 -6.29
N THR A 47 -4.92 4.79 -5.90
CA THR A 47 -6.09 5.34 -5.23
C THR A 47 -6.45 4.50 -4.01
N ILE A 48 -7.03 5.14 -2.99
CA ILE A 48 -7.56 4.47 -1.81
C ILE A 48 -8.73 3.60 -2.23
N GLU A 49 -9.53 4.04 -3.21
CA GLU A 49 -10.68 3.28 -3.63
C GLU A 49 -10.28 1.96 -4.27
N GLU A 50 -9.21 1.92 -5.09
CA GLU A 50 -8.79 0.64 -5.66
C GLU A 50 -8.42 -0.30 -4.52
N CYS A 51 -7.54 0.15 -3.61
CA CYS A 51 -7.16 -0.63 -2.44
C CYS A 51 -8.39 -1.13 -1.68
N ARG A 52 -9.29 -0.20 -1.34
CA ARG A 52 -10.42 -0.53 -0.50
C ARG A 52 -11.35 -1.49 -1.24
N ARG A 53 -11.56 -1.31 -2.54
CA ARG A 53 -12.41 -2.20 -3.33
C ARG A 53 -11.75 -3.58 -3.49
N THR A 54 -10.41 -3.62 -3.50
CA THR A 54 -9.68 -4.87 -3.63
C THR A 54 -9.85 -5.72 -2.37
N CYS A 55 -9.61 -5.14 -1.19
CA CYS A 55 -9.57 -5.93 0.05
C CYS A 55 -10.83 -5.82 0.89
N VAL A 56 -11.45 -4.65 0.94
CA VAL A 56 -12.70 -4.38 1.65
C VAL A 56 -13.83 -4.57 0.64
N GLY A 57 -15.08 -4.31 1.03
CA GLY A 57 -16.23 -4.47 0.16
C GLY A 57 -16.10 -3.65 -1.12
N ALA A 1 -10.47 -9.53 -0.02
CA ALA A 1 -9.04 -9.54 0.33
C ALA A 1 -8.21 -10.44 -0.57
N ALA A 2 -7.00 -9.96 -0.88
CA ALA A 2 -5.99 -10.63 -1.67
C ALA A 2 -4.80 -10.91 -0.75
N LYS A 3 -4.06 -11.99 -1.02
CA LYS A 3 -2.99 -12.48 -0.17
C LYS A 3 -2.05 -11.34 0.25
N TYR A 4 -1.61 -10.54 -0.73
CA TYR A 4 -0.65 -9.48 -0.51
C TYR A 4 -1.14 -8.37 0.41
N CYS A 5 -2.46 -8.28 0.63
CA CYS A 5 -3.04 -7.23 1.48
C CYS A 5 -2.45 -7.25 2.89
N LYS A 6 -2.02 -8.43 3.33
CA LYS A 6 -1.31 -8.64 4.59
C LYS A 6 0.05 -7.92 4.66
N LEU A 7 0.75 -7.74 3.53
CA LEU A 7 2.13 -7.32 3.56
C LEU A 7 2.28 -5.94 4.21
N PRO A 8 3.33 -5.69 5.00
CA PRO A 8 3.43 -4.51 5.84
C PRO A 8 3.77 -3.26 5.01
N LEU A 9 3.83 -2.12 5.71
CA LEU A 9 4.34 -0.89 5.12
C LEU A 9 5.77 -1.14 4.61
N ARG A 10 6.05 -0.62 3.42
CA ARG A 10 7.20 -1.01 2.65
C ARG A 10 7.53 0.14 1.72
N ILE A 11 8.18 1.15 2.28
CA ILE A 11 8.48 2.38 1.58
C ILE A 11 9.57 2.15 0.55
N GLY A 12 10.56 1.33 0.91
CA GLY A 12 11.73 1.05 0.08
C GLY A 12 12.79 2.13 0.31
N PRO A 13 14.09 1.81 0.19
CA PRO A 13 15.18 2.70 0.55
C PRO A 13 15.58 3.61 -0.62
N CYS A 14 14.64 3.98 -1.50
CA CYS A 14 14.99 4.69 -2.72
C CYS A 14 15.09 6.20 -2.47
N LYS A 15 15.55 6.95 -3.47
CA LYS A 15 15.83 8.39 -3.37
C LYS A 15 14.74 9.18 -4.12
N ARG A 16 13.49 8.75 -3.97
CA ARG A 16 12.31 9.39 -4.54
C ARG A 16 11.18 9.33 -3.50
N LYS A 17 10.03 9.93 -3.83
CA LYS A 17 8.80 10.01 -3.06
C LYS A 17 7.65 10.14 -4.08
N ILE A 18 6.83 9.10 -4.22
CA ILE A 18 5.63 9.05 -5.03
C ILE A 18 4.45 8.73 -4.10
N PRO A 19 3.40 9.57 -4.02
CA PRO A 19 2.26 9.27 -3.19
C PRO A 19 1.56 8.01 -3.68
N SER A 20 1.03 7.20 -2.77
CA SER A 20 0.26 6.00 -3.06
C SER A 20 -0.63 5.72 -1.84
N PHE A 21 -1.51 4.73 -1.93
CA PHE A 21 -2.26 4.18 -0.82
C PHE A 21 -1.79 2.75 -0.59
N TYR A 22 -1.79 2.28 0.66
CA TYR A 22 -1.60 0.89 0.98
C TYR A 22 -2.60 0.49 2.05
N TYR A 23 -2.65 -0.80 2.37
CA TYR A 23 -3.57 -1.32 3.37
C TYR A 23 -2.80 -1.68 4.64
N LYS A 24 -3.02 -0.95 5.74
CA LYS A 24 -2.35 -1.27 6.99
C LYS A 24 -3.05 -2.48 7.62
N TRP A 25 -2.68 -3.71 7.24
CA TRP A 25 -3.36 -4.92 7.69
C TRP A 25 -3.43 -5.02 9.22
N LYS A 26 -2.39 -4.54 9.91
CA LYS A 26 -2.36 -4.46 11.37
C LYS A 26 -3.64 -3.81 11.92
N ALA A 27 -4.11 -2.75 11.26
CA ALA A 27 -5.31 -2.01 11.63
C ALA A 27 -6.53 -2.62 10.93
N LYS A 28 -6.44 -2.67 9.60
CA LYS A 28 -7.39 -3.10 8.60
C LYS A 28 -8.12 -1.89 8.03
N GLN A 29 -7.38 -1.11 7.21
CA GLN A 29 -7.85 0.11 6.58
C GLN A 29 -6.86 0.54 5.49
N CYS A 30 -7.37 1.24 4.46
CA CYS A 30 -6.61 1.78 3.33
C CYS A 30 -6.18 3.20 3.65
N LEU A 31 -4.91 3.53 3.41
CA LEU A 31 -4.27 4.74 3.94
C LEU A 31 -3.28 5.30 2.93
N PRO A 32 -3.21 6.63 2.75
CA PRO A 32 -2.22 7.28 1.89
C PRO A 32 -0.82 7.23 2.54
N PHE A 33 0.23 7.30 1.73
CA PHE A 33 1.62 7.44 2.16
C PHE A 33 2.48 7.74 0.91
N ASP A 34 3.79 7.96 1.08
CA ASP A 34 4.74 8.10 -0.04
C ASP A 34 5.54 6.81 -0.15
N TYR A 35 5.55 6.21 -1.33
CA TYR A 35 6.47 5.15 -1.70
C TYR A 35 7.76 5.77 -2.22
N SER A 36 8.90 5.12 -2.02
CA SER A 36 10.17 5.70 -2.45
C SER A 36 10.30 5.58 -3.98
N GLY A 37 10.32 4.36 -4.49
CA GLY A 37 10.41 4.08 -5.92
C GLY A 37 10.85 2.65 -6.17
N CYS A 38 11.89 2.22 -5.44
CA CYS A 38 12.46 0.88 -5.50
C CYS A 38 12.36 0.23 -4.13
N GLY A 39 12.15 -1.08 -4.12
CA GLY A 39 12.07 -1.92 -2.92
C GLY A 39 10.68 -1.98 -2.29
N GLY A 40 9.61 -1.68 -3.03
CA GLY A 40 8.25 -1.87 -2.56
C GLY A 40 7.77 -3.30 -2.73
N ASN A 41 6.87 -3.74 -1.84
CA ASN A 41 6.10 -4.98 -1.97
C ASN A 41 4.81 -4.74 -2.78
N ALA A 42 3.92 -5.72 -2.82
CA ALA A 42 2.65 -5.65 -3.54
C ALA A 42 1.58 -4.80 -2.85
N ASN A 43 1.75 -4.41 -1.58
CA ASN A 43 0.74 -3.61 -0.90
C ASN A 43 0.88 -2.16 -1.36
N ARG A 44 0.40 -1.85 -2.57
CA ARG A 44 0.48 -0.50 -3.12
C ARG A 44 -0.63 -0.30 -4.16
N PHE A 45 -1.34 0.82 -4.03
CA PHE A 45 -2.54 1.16 -4.78
C PHE A 45 -2.44 2.63 -5.16
N LYS A 46 -2.85 2.99 -6.38
CA LYS A 46 -2.89 4.37 -6.80
C LYS A 46 -4.03 5.11 -6.11
N THR A 47 -5.08 4.39 -5.70
CA THR A 47 -6.25 5.01 -5.08
C THR A 47 -6.62 4.30 -3.78
N ILE A 48 -7.39 5.01 -2.97
CA ILE A 48 -7.99 4.45 -1.78
C ILE A 48 -9.16 3.56 -2.16
N GLU A 49 -9.88 3.90 -3.24
CA GLU A 49 -11.03 3.10 -3.63
C GLU A 49 -10.57 1.78 -4.23
N GLU A 50 -9.49 1.74 -5.03
CA GLU A 50 -9.03 0.47 -5.57
C GLU A 50 -8.57 -0.41 -4.40
N CYS A 51 -7.80 0.17 -3.46
CA CYS A 51 -7.40 -0.53 -2.25
C CYS A 51 -8.61 -1.09 -1.53
N ARG A 52 -9.59 -0.24 -1.20
CA ARG A 52 -10.76 -0.67 -0.44
C ARG A 52 -11.48 -1.78 -1.20
N ARG A 53 -11.69 -1.59 -2.51
CA ARG A 53 -12.45 -2.52 -3.34
C ARG A 53 -11.73 -3.88 -3.45
N THR A 54 -10.40 -3.85 -3.55
CA THR A 54 -9.61 -5.06 -3.71
C THR A 54 -9.57 -5.81 -2.38
N CYS A 55 -9.25 -5.09 -1.30
CA CYS A 55 -8.99 -5.74 -0.04
C CYS A 55 -10.28 -5.99 0.74
N VAL A 56 -11.03 -4.92 0.99
CA VAL A 56 -12.27 -4.95 1.74
C VAL A 56 -13.41 -5.38 0.78
N GLY A 57 -14.65 -5.42 1.25
CA GLY A 57 -15.85 -5.57 0.45
C GLY A 57 -16.97 -4.91 1.24
N ALA A 1 -10.24 -10.52 0.31
CA ALA A 1 -8.97 -9.86 0.64
C ALA A 1 -7.86 -10.42 -0.24
N ALA A 2 -6.69 -9.78 -0.24
CA ALA A 2 -5.54 -10.16 -1.07
C ALA A 2 -4.44 -10.73 -0.17
N LYS A 3 -3.51 -11.51 -0.73
CA LYS A 3 -2.44 -12.10 0.08
C LYS A 3 -1.53 -10.95 0.49
N TYR A 4 -1.07 -10.22 -0.51
CA TYR A 4 -0.23 -9.05 -0.33
C TYR A 4 -0.88 -7.97 0.53
N CYS A 5 -2.20 -8.05 0.70
CA CYS A 5 -2.90 -7.12 1.57
C CYS A 5 -2.34 -7.19 2.99
N LYS A 6 -1.79 -8.35 3.38
CA LYS A 6 -1.11 -8.56 4.66
C LYS A 6 0.26 -7.88 4.73
N LEU A 7 0.75 -7.27 3.66
CA LEU A 7 2.06 -6.64 3.67
C LEU A 7 1.99 -5.28 4.38
N PRO A 8 2.89 -5.02 5.34
CA PRO A 8 2.94 -3.76 6.07
C PRO A 8 3.44 -2.62 5.18
N LEU A 9 3.55 -1.43 5.78
CA LEU A 9 4.03 -0.23 5.11
C LEU A 9 5.45 -0.46 4.58
N ARG A 10 5.58 -0.56 3.27
CA ARG A 10 6.85 -0.76 2.61
C ARG A 10 7.07 0.38 1.63
N ILE A 11 7.64 1.50 2.08
CA ILE A 11 7.99 2.64 1.23
C ILE A 11 9.15 2.29 0.31
N GLY A 12 10.17 1.65 0.88
CA GLY A 12 11.35 1.20 0.17
C GLY A 12 12.62 1.80 0.77
N PRO A 13 13.79 1.19 0.52
CA PRO A 13 15.07 1.73 0.93
C PRO A 13 15.57 2.82 -0.03
N CYS A 14 14.84 3.10 -1.12
CA CYS A 14 15.13 4.21 -2.03
C CYS A 14 14.74 5.54 -1.39
N LYS A 15 15.07 6.67 -2.04
CA LYS A 15 14.93 8.03 -1.51
C LYS A 15 14.09 8.86 -2.48
N ARG A 16 12.93 8.32 -2.85
CA ARG A 16 11.93 8.95 -3.71
C ARG A 16 10.68 9.27 -2.88
N LYS A 17 9.74 9.99 -3.50
CA LYS A 17 8.47 10.40 -2.92
C LYS A 17 7.41 10.37 -4.03
N ILE A 18 6.51 9.38 -4.01
CA ILE A 18 5.45 9.18 -4.99
C ILE A 18 4.15 8.86 -4.25
N PRO A 19 3.08 9.67 -4.40
CA PRO A 19 1.85 9.49 -3.65
C PRO A 19 1.22 8.14 -3.99
N SER A 20 1.02 7.28 -2.99
CA SER A 20 0.39 5.98 -3.17
C SER A 20 -0.43 5.62 -1.92
N PHE A 21 -1.13 4.49 -2.01
CA PHE A 21 -2.02 3.95 -0.98
C PHE A 21 -1.72 2.46 -0.82
N TYR A 22 -1.67 1.95 0.43
CA TYR A 22 -1.43 0.55 0.74
C TYR A 22 -2.38 0.12 1.84
N TYR A 23 -2.64 -1.18 1.96
CA TYR A 23 -3.46 -1.71 3.03
C TYR A 23 -2.61 -2.04 4.24
N LYS A 24 -2.74 -1.28 5.34
CA LYS A 24 -2.07 -1.64 6.58
C LYS A 24 -2.86 -2.75 7.24
N TRP A 25 -2.61 -4.02 6.94
CA TRP A 25 -3.26 -5.13 7.64
C TRP A 25 -3.05 -5.05 9.15
N LYS A 26 -1.97 -4.41 9.58
CA LYS A 26 -1.72 -4.16 10.99
C LYS A 26 -2.89 -3.39 11.65
N ALA A 27 -3.57 -2.53 10.88
CA ALA A 27 -4.70 -1.70 11.33
C ALA A 27 -6.03 -2.20 10.75
N LYS A 28 -5.98 -2.75 9.53
CA LYS A 28 -7.03 -3.33 8.71
C LYS A 28 -7.75 -2.26 7.89
N GLN A 29 -6.99 -1.39 7.21
CA GLN A 29 -7.54 -0.35 6.36
C GLN A 29 -6.45 0.17 5.41
N CYS A 30 -6.89 0.89 4.38
CA CYS A 30 -6.02 1.51 3.39
C CYS A 30 -5.55 2.84 3.90
N LEU A 31 -4.25 3.14 3.80
CA LEU A 31 -3.68 4.37 4.33
C LEU A 31 -2.79 5.01 3.26
N PRO A 32 -2.93 6.34 3.02
CA PRO A 32 -2.10 7.06 2.07
C PRO A 32 -0.68 7.18 2.59
N PHE A 33 0.29 7.28 1.68
CA PHE A 33 1.69 7.43 2.01
C PHE A 33 2.48 7.83 0.76
N ASP A 34 3.80 7.99 0.93
CA ASP A 34 4.72 8.33 -0.13
C ASP A 34 5.59 7.10 -0.39
N TYR A 35 5.43 6.47 -1.55
CA TYR A 35 6.28 5.39 -2.00
C TYR A 35 7.58 5.95 -2.54
N SER A 36 8.65 5.13 -2.51
CA SER A 36 9.86 5.47 -3.22
C SER A 36 9.71 5.08 -4.70
N GLY A 37 9.71 3.78 -4.99
CA GLY A 37 9.84 3.27 -6.34
C GLY A 37 10.58 1.92 -6.36
N CYS A 38 11.37 1.62 -5.32
CA CYS A 38 12.25 0.47 -5.29
C CYS A 38 12.11 -0.20 -3.93
N GLY A 39 12.21 -1.52 -3.87
CA GLY A 39 12.00 -2.27 -2.63
C GLY A 39 10.60 -2.06 -2.07
N GLY A 40 9.58 -2.10 -2.94
CA GLY A 40 8.19 -2.08 -2.54
C GLY A 40 7.67 -3.50 -2.39
N ASN A 41 6.37 -3.66 -2.59
CA ASN A 41 5.66 -4.92 -2.56
C ASN A 41 4.37 -4.76 -3.36
N ALA A 42 3.52 -5.80 -3.37
CA ALA A 42 2.32 -5.78 -4.20
C ALA A 42 1.14 -5.11 -3.48
N ASN A 43 1.42 -4.24 -2.51
CA ASN A 43 0.41 -3.54 -1.73
C ASN A 43 0.57 -2.05 -2.05
N ARG A 44 0.25 -1.68 -3.30
CA ARG A 44 0.30 -0.28 -3.74
C ARG A 44 -0.84 -0.01 -4.70
N PHE A 45 -1.48 1.13 -4.48
CA PHE A 45 -2.68 1.57 -5.16
C PHE A 45 -2.54 3.07 -5.38
N LYS A 46 -3.04 3.56 -6.51
CA LYS A 46 -3.08 4.97 -6.82
C LYS A 46 -4.32 5.63 -6.21
N THR A 47 -5.28 4.84 -5.73
CA THR A 47 -6.50 5.36 -5.12
C THR A 47 -6.82 4.55 -3.87
N ILE A 48 -7.48 5.18 -2.91
CA ILE A 48 -8.01 4.47 -1.76
C ILE A 48 -9.07 3.48 -2.21
N GLU A 49 -9.81 3.76 -3.28
CA GLU A 49 -10.86 2.87 -3.72
C GLU A 49 -10.26 1.60 -4.30
N GLU A 50 -9.19 1.67 -5.09
CA GLU A 50 -8.59 0.46 -5.62
C GLU A 50 -8.16 -0.43 -4.44
N CYS A 51 -7.46 0.15 -3.46
CA CYS A 51 -7.06 -0.58 -2.26
C CYS A 51 -8.26 -1.15 -1.50
N ARG A 52 -9.23 -0.29 -1.16
CA ARG A 52 -10.38 -0.66 -0.37
C ARG A 52 -11.20 -1.72 -1.13
N ARG A 53 -11.32 -1.61 -2.44
CA ARG A 53 -12.02 -2.58 -3.27
C ARG A 53 -11.28 -3.91 -3.29
N THR A 54 -9.94 -3.89 -3.31
CA THR A 54 -9.17 -5.12 -3.26
C THR A 54 -9.36 -5.81 -1.91
N CYS A 55 -9.17 -5.09 -0.81
CA CYS A 55 -9.21 -5.74 0.50
C CYS A 55 -10.62 -5.84 1.06
N VAL A 56 -11.26 -4.67 1.22
CA VAL A 56 -12.62 -4.50 1.71
C VAL A 56 -13.58 -4.75 0.53
N GLY A 57 -14.88 -4.57 0.74
CA GLY A 57 -15.85 -4.56 -0.34
C GLY A 57 -15.89 -3.17 -0.95
N ALA A 1 -9.72 -10.76 1.37
CA ALA A 1 -8.63 -9.80 1.11
C ALA A 1 -7.49 -10.53 0.41
N ALA A 2 -6.62 -9.82 -0.30
CA ALA A 2 -5.55 -10.43 -1.08
C ALA A 2 -4.46 -11.04 -0.19
N LYS A 3 -3.63 -11.89 -0.79
CA LYS A 3 -2.48 -12.47 -0.12
C LYS A 3 -1.55 -11.34 0.32
N TYR A 4 -1.13 -10.52 -0.64
CA TYR A 4 -0.25 -9.37 -0.40
C TYR A 4 -0.84 -8.36 0.58
N CYS A 5 -2.15 -8.38 0.78
CA CYS A 5 -2.82 -7.40 1.64
C CYS A 5 -2.29 -7.44 3.07
N LYS A 6 -1.69 -8.58 3.46
CA LYS A 6 -1.01 -8.74 4.75
C LYS A 6 0.22 -7.83 4.89
N LEU A 7 0.89 -7.49 3.79
CA LEU A 7 2.21 -6.88 3.85
C LEU A 7 2.14 -5.50 4.53
N PRO A 8 3.08 -5.17 5.43
CA PRO A 8 3.05 -3.94 6.20
C PRO A 8 3.45 -2.74 5.35
N LEU A 9 3.50 -1.55 5.98
CA LEU A 9 4.06 -0.36 5.35
C LEU A 9 5.48 -0.66 4.91
N ARG A 10 5.74 -0.46 3.63
CA ARG A 10 6.98 -0.80 2.99
C ARG A 10 7.27 0.33 2.01
N ILE A 11 7.78 1.44 2.53
CA ILE A 11 8.16 2.60 1.74
C ILE A 11 9.25 2.22 0.75
N GLY A 12 10.15 1.32 1.17
CA GLY A 12 11.25 0.83 0.36
C GLY A 12 12.45 1.78 0.44
N PRO A 13 13.66 1.29 0.12
CA PRO A 13 14.89 2.01 0.37
C PRO A 13 15.21 3.03 -0.73
N CYS A 14 14.35 3.25 -1.74
CA CYS A 14 14.70 4.28 -2.71
C CYS A 14 14.49 5.66 -2.08
N LYS A 15 15.07 6.69 -2.70
CA LYS A 15 15.21 8.01 -2.09
C LYS A 15 14.30 8.97 -2.87
N ARG A 16 13.10 8.46 -3.15
CA ARG A 16 12.06 9.04 -3.98
C ARG A 16 10.84 9.26 -3.10
N LYS A 17 9.79 9.89 -3.66
CA LYS A 17 8.62 10.32 -2.90
C LYS A 17 7.42 10.42 -3.85
N ILE A 18 6.63 9.34 -3.96
CA ILE A 18 5.54 9.19 -4.91
C ILE A 18 4.27 8.87 -4.12
N PRO A 19 3.26 9.76 -4.07
CA PRO A 19 2.06 9.54 -3.28
C PRO A 19 1.34 8.26 -3.76
N SER A 20 1.15 7.30 -2.86
CA SER A 20 0.45 6.05 -3.13
C SER A 20 -0.45 5.74 -1.94
N PHE A 21 -1.21 4.66 -2.05
CA PHE A 21 -2.05 4.09 -1.00
C PHE A 21 -1.64 2.63 -0.85
N TYR A 22 -1.66 2.11 0.39
CA TYR A 22 -1.40 0.72 0.71
C TYR A 22 -2.42 0.29 1.76
N TYR A 23 -2.52 -1.01 2.02
CA TYR A 23 -3.39 -1.56 3.05
C TYR A 23 -2.55 -1.91 4.27
N LYS A 24 -2.66 -1.15 5.37
CA LYS A 24 -1.95 -1.49 6.58
C LYS A 24 -2.72 -2.60 7.29
N TRP A 25 -2.33 -3.85 7.06
CA TRP A 25 -2.97 -5.00 7.70
C TRP A 25 -3.00 -4.86 9.22
N LYS A 26 -1.92 -4.29 9.77
CA LYS A 26 -1.79 -4.04 11.19
C LYS A 26 -2.91 -3.13 11.72
N ALA A 27 -3.49 -2.27 10.85
CA ALA A 27 -4.63 -1.41 11.16
C ALA A 27 -5.94 -2.01 10.64
N LYS A 28 -5.87 -2.80 9.58
CA LYS A 28 -6.99 -3.40 8.85
C LYS A 28 -7.70 -2.35 7.99
N GLN A 29 -6.93 -1.46 7.33
CA GLN A 29 -7.51 -0.48 6.41
C GLN A 29 -6.48 0.02 5.40
N CYS A 30 -7.02 0.69 4.37
CA CYS A 30 -6.29 1.39 3.32
C CYS A 30 -5.88 2.76 3.83
N LEU A 31 -4.63 3.15 3.60
CA LEU A 31 -4.03 4.40 4.06
C LEU A 31 -3.17 4.99 2.95
N PRO A 32 -3.06 6.34 2.84
CA PRO A 32 -2.13 7.03 1.97
C PRO A 32 -0.71 6.92 2.54
N PHE A 33 0.30 7.16 1.69
CA PHE A 33 1.70 7.29 2.09
C PHE A 33 2.52 7.74 0.88
N ASP A 34 3.82 7.97 1.07
CA ASP A 34 4.76 8.21 0.00
C ASP A 34 5.48 6.89 -0.26
N TYR A 35 5.36 6.32 -1.45
CA TYR A 35 6.27 5.26 -1.85
C TYR A 35 7.59 5.90 -2.29
N SER A 36 8.68 5.13 -2.20
CA SER A 36 9.90 5.51 -2.86
C SER A 36 9.80 5.17 -4.36
N GLY A 37 10.07 3.92 -4.73
CA GLY A 37 10.09 3.50 -6.11
C GLY A 37 10.59 2.06 -6.25
N CYS A 38 11.69 1.74 -5.56
CA CYS A 38 12.25 0.40 -5.48
C CYS A 38 12.05 -0.18 -4.09
N GLY A 39 12.02 -1.51 -4.03
CA GLY A 39 11.88 -2.29 -2.80
C GLY A 39 10.62 -1.96 -2.00
N GLY A 40 9.50 -1.68 -2.68
CA GLY A 40 8.18 -1.75 -2.08
C GLY A 40 7.77 -3.20 -1.93
N ASN A 41 6.54 -3.50 -2.35
CA ASN A 41 5.91 -4.81 -2.45
C ASN A 41 4.61 -4.63 -3.24
N ALA A 42 3.79 -5.69 -3.30
CA ALA A 42 2.54 -5.69 -4.08
C ALA A 42 1.38 -4.98 -3.37
N ASN A 43 1.63 -4.37 -2.22
CA ASN A 43 0.64 -3.62 -1.46
C ASN A 43 0.71 -2.16 -1.89
N ARG A 44 0.27 -1.83 -3.11
CA ARG A 44 0.33 -0.47 -3.61
C ARG A 44 -0.79 -0.18 -4.61
N PHE A 45 -1.39 1.01 -4.46
CA PHE A 45 -2.60 1.45 -5.10
C PHE A 45 -2.47 2.95 -5.35
N LYS A 46 -2.95 3.45 -6.50
CA LYS A 46 -2.97 4.87 -6.77
C LYS A 46 -4.21 5.52 -6.13
N THR A 47 -5.27 4.76 -5.84
CA THR A 47 -6.43 5.33 -5.15
C THR A 47 -6.69 4.57 -3.85
N ILE A 48 -7.42 5.24 -2.95
CA ILE A 48 -8.01 4.57 -1.81
C ILE A 48 -9.10 3.63 -2.28
N GLU A 49 -9.88 3.99 -3.30
CA GLU A 49 -10.98 3.16 -3.75
C GLU A 49 -10.46 1.84 -4.29
N GLU A 50 -9.41 1.85 -5.12
CA GLU A 50 -8.94 0.61 -5.68
C GLU A 50 -8.44 -0.30 -4.54
N CYS A 51 -7.71 0.26 -3.57
CA CYS A 51 -7.33 -0.48 -2.37
C CYS A 51 -8.55 -1.03 -1.65
N ARG A 52 -9.49 -0.16 -1.28
CA ARG A 52 -10.65 -0.53 -0.49
C ARG A 52 -11.42 -1.62 -1.22
N ARG A 53 -11.64 -1.46 -2.53
CA ARG A 53 -12.40 -2.40 -3.33
C ARG A 53 -11.61 -3.69 -3.59
N THR A 54 -10.27 -3.66 -3.51
CA THR A 54 -9.48 -4.87 -3.59
C THR A 54 -9.65 -5.70 -2.31
N CYS A 55 -9.36 -5.12 -1.14
CA CYS A 55 -9.26 -5.92 0.08
C CYS A 55 -10.57 -5.96 0.87
N VAL A 56 -11.33 -4.85 0.85
CA VAL A 56 -12.61 -4.68 1.52
C VAL A 56 -13.70 -4.80 0.45
N GLY A 57 -14.97 -4.83 0.88
CA GLY A 57 -16.13 -5.01 0.05
C GLY A 57 -17.22 -5.55 0.96
#